data_8TTQ
#
_entry.id   8TTQ
#
_cell.length_a   1.00
_cell.length_b   1.00
_cell.length_c   1.00
_cell.angle_alpha   90.00
_cell.angle_beta   90.00
_cell.angle_gamma   90.00
#
_symmetry.space_group_name_H-M   'P 1'
#
_entity_poly.entity_id   1
_entity_poly.type   'polypeptide(L)'
_entity_poly.pdbx_seq_one_letter_code
;MHHHHHHSAVDENLYFQGGGRAAGGAVAAAPECRLLPYALHKWSSFSSTYLPENILVDKPNDQSSRWSSESNYPPQYLIL
KLERPAIVQNITFGKYEKTHVCNLKKFKVFGGMNEENMTELLSSGLKNDYNKETFTLKHKIDEQMFPCRFIKIVPLLSWG
PSFNFSIWYVELSGIDDPDIVQPCLNWYSKYREQEAIRLCLKHFRQHNYTEAFESLQKKTKIALEHPMLTDIHDKLVLKG
DFDACEELIEKAVNDGLFNQYISQQEYKPRWSQIIPKSTKGDGEDNRPGMRGGHQMVIDVQTETVYLFGGWDGTQDLADF
WAYSVKENQWTCISRDTEKENGPSARSCHKMCIDIQRRQIYTLGRYLDSSVRNSKSLKSDFYRYDIDTNTWMLLSEDTAA
DGGPKLVFDHQMCMDSEKHMIYTFGGRILTCNGSVDDSRASEPQFSGLFAFNCQCQTWKLLREDSCNAGPEDIQSRIGHC
MLFHSKNRCLYVFGGQRSKTYLNDFFSYDVDSDHVDIISDGTKKDSGMVPMTGFTQRATIDPELNEIHVLSGLSKDKEKR
EENVRNSFWIYDIVRNSWSCVYKNDQAAKDNPTKSLQEEEPCPRFAHQLVYDELHKVHYLFGGNPGKSCSPKMRLDDFWS
LKLCRPSKDYLLRHCKYLIRKHRFEEKAQVDPLSALKYLQNDLYITVDHSDPEETKEFQLLASALFKSGSDFTALGFSDV
DHTYAQRTQLFDTLVNFFPDSMTPPKGNLVDLITL
;
_entity_poly.pdbx_strand_id   A,B
#
# COMPACT_ATOMS: atom_id res chain seq x y z
N CYS A 33 -12.01 -23.62 -22.31
CA CYS A 33 -11.43 -24.24 -21.09
C CYS A 33 -12.50 -24.96 -20.29
N ARG A 34 -12.07 -25.76 -19.32
CA ARG A 34 -12.99 -26.51 -18.47
C ARG A 34 -12.30 -26.83 -17.16
N LEU A 35 -13.10 -27.19 -16.16
CA LEU A 35 -12.56 -27.57 -14.86
C LEU A 35 -11.66 -28.79 -15.00
N LEU A 36 -10.49 -28.73 -14.35
CA LEU A 36 -9.53 -29.81 -14.40
C LEU A 36 -9.59 -30.59 -13.10
N PRO A 37 -10.02 -31.86 -13.11
CA PRO A 37 -10.04 -32.62 -11.85
C PRO A 37 -8.64 -32.80 -11.28
N TYR A 38 -8.56 -32.84 -9.96
CA TYR A 38 -7.28 -32.97 -9.28
C TYR A 38 -7.50 -33.59 -7.90
N ALA A 39 -6.42 -34.09 -7.32
CA ALA A 39 -6.44 -34.69 -6.00
C ALA A 39 -5.21 -34.25 -5.22
N LEU A 40 -5.36 -34.20 -3.90
CA LEU A 40 -4.25 -33.82 -3.04
C LEU A 40 -3.12 -34.84 -3.16
N HIS A 41 -1.88 -34.34 -3.19
CA HIS A 41 -0.71 -35.20 -3.29
C HIS A 41 0.20 -35.09 -2.08
N LYS A 42 0.53 -33.87 -1.64
CA LYS A 42 1.40 -33.69 -0.50
C LYS A 42 1.08 -32.37 0.18
N TRP A 43 1.35 -32.31 1.49
CA TRP A 43 1.15 -31.11 2.27
C TRP A 43 2.30 -30.97 3.26
N SER A 44 2.91 -29.79 3.31
CA SER A 44 3.98 -29.56 4.25
C SER A 44 3.51 -29.73 5.68
N SER A 45 2.33 -29.21 5.99
CA SER A 45 1.75 -29.36 7.32
C SER A 45 0.29 -28.95 7.27
N PHE A 46 -0.47 -29.42 8.24
CA PHE A 46 -1.88 -29.06 8.38
C PHE A 46 -2.22 -29.02 9.86
N SER A 47 -3.06 -28.06 10.23
CA SER A 47 -3.40 -27.82 11.63
C SER A 47 -4.79 -28.38 11.94
N SER A 48 -4.86 -29.24 12.96
CA SER A 48 -6.14 -29.73 13.46
C SER A 48 -6.97 -30.36 12.35
N THR A 49 -8.29 -30.20 12.42
CA THR A 49 -9.20 -30.83 11.48
C THR A 49 -9.13 -30.22 10.08
N TYR A 50 -8.43 -29.11 9.91
CA TYR A 50 -8.39 -28.45 8.60
C TYR A 50 -7.53 -29.25 7.64
N LEU A 51 -8.01 -30.44 7.27
CA LEU A 51 -7.26 -31.30 6.37
C LEU A 51 -7.20 -30.69 4.97
N PRO A 52 -6.12 -30.94 4.23
CA PRO A 52 -6.03 -30.36 2.87
C PRO A 52 -7.17 -30.77 1.95
N GLU A 53 -7.78 -31.93 2.18
CA GLU A 53 -8.84 -32.39 1.29
C GLU A 53 -9.99 -31.40 1.21
N ASN A 54 -10.18 -30.61 2.27
CA ASN A 54 -11.26 -29.61 2.25
C ASN A 54 -11.10 -28.62 1.11
N ILE A 55 -9.88 -28.47 0.57
CA ILE A 55 -9.66 -27.56 -0.55
C ILE A 55 -10.47 -28.01 -1.76
N LEU A 56 -10.77 -29.31 -1.86
CA LEU A 56 -11.47 -29.82 -3.04
C LEU A 56 -12.87 -29.21 -3.15
N VAL A 57 -13.59 -29.12 -2.03
CA VAL A 57 -14.99 -28.74 -2.04
C VAL A 57 -15.10 -27.27 -1.64
N ASP A 58 -15.92 -26.52 -2.38
CA ASP A 58 -16.18 -25.12 -2.08
C ASP A 58 -17.40 -25.01 -1.17
N LYS A 59 -17.24 -24.32 -0.05
CA LYS A 59 -18.33 -24.15 0.91
C LYS A 59 -18.05 -22.95 1.79
N PRO A 60 -18.31 -21.73 1.33
CA PRO A 60 -18.02 -20.55 2.16
C PRO A 60 -18.80 -20.51 3.45
N ASN A 61 -19.94 -21.20 3.53
CA ASN A 61 -20.74 -21.18 4.75
C ASN A 61 -20.08 -21.92 5.90
N ASP A 62 -19.11 -22.79 5.62
CA ASP A 62 -18.45 -23.58 6.64
C ASP A 62 -16.99 -23.13 6.75
N GLN A 63 -16.61 -22.69 7.94
CA GLN A 63 -15.22 -22.28 8.16
C GLN A 63 -14.27 -23.48 8.13
N SER A 64 -14.71 -24.61 8.67
CA SER A 64 -13.85 -25.78 8.72
C SER A 64 -13.50 -26.32 7.34
N SER A 65 -14.32 -26.01 6.32
CA SER A 65 -14.06 -26.49 4.98
C SER A 65 -12.91 -25.70 4.36
N ARG A 66 -11.70 -25.92 4.85
CA ARG A 66 -10.53 -25.17 4.40
C ARG A 66 -9.28 -25.95 4.78
N TRP A 67 -8.14 -25.45 4.33
CA TRP A 67 -6.83 -25.94 4.73
C TRP A 67 -6.13 -24.85 5.51
N SER A 68 -5.32 -25.26 6.49
CA SER A 68 -4.58 -24.30 7.31
C SER A 68 -3.23 -24.89 7.66
N SER A 69 -2.16 -24.16 7.35
CA SER A 69 -0.82 -24.62 7.65
C SER A 69 -0.60 -24.67 9.15
N GLU A 70 0.28 -25.58 9.57
CA GLU A 70 0.55 -25.74 11.00
C GLU A 70 1.10 -24.45 11.61
N SER A 71 1.87 -23.70 10.85
CA SER A 71 2.45 -22.45 11.33
C SER A 71 2.82 -21.60 10.12
N ASN A 72 3.32 -20.40 10.38
CA ASN A 72 3.71 -19.44 9.34
C ASN A 72 5.23 -19.40 9.30
N TYR A 73 5.82 -20.32 8.51
CA TYR A 73 7.26 -20.39 8.33
C TYR A 73 7.56 -20.64 6.85
N PRO A 74 8.79 -20.42 6.40
CA PRO A 74 9.09 -20.55 4.97
C PRO A 74 8.70 -21.91 4.44
N PRO A 75 8.94 -23.01 5.18
CA PRO A 75 8.53 -24.32 4.66
C PRO A 75 7.07 -24.65 4.93
N GLN A 76 6.18 -23.96 4.22
CA GLN A 76 4.75 -24.20 4.30
C GLN A 76 4.17 -24.13 2.90
N TYR A 77 3.69 -25.25 2.38
CA TYR A 77 3.22 -25.32 1.00
C TYR A 77 2.22 -26.47 0.88
N LEU A 78 1.57 -26.54 -0.28
CA LEU A 78 0.63 -27.60 -0.61
C LEU A 78 0.87 -28.00 -2.06
N ILE A 79 0.55 -29.26 -2.39
CA ILE A 79 0.76 -29.78 -3.73
C ILE A 79 -0.51 -30.48 -4.18
N LEU A 80 -0.94 -30.18 -5.41
CA LEU A 80 -2.13 -30.77 -6.01
C LEU A 80 -1.73 -31.53 -7.26
N LYS A 81 -2.28 -32.73 -7.43
CA LYS A 81 -1.99 -33.58 -8.57
C LYS A 81 -3.24 -33.70 -9.43
N LEU A 82 -3.09 -33.41 -10.73
CA LEU A 82 -4.19 -33.55 -11.66
C LEU A 82 -4.42 -35.02 -12.01
N GLU A 83 -5.62 -35.33 -12.49
CA GLU A 83 -5.92 -36.69 -12.89
C GLU A 83 -5.00 -37.15 -14.01
N ARG A 84 -4.80 -36.29 -15.00
CA ARG A 84 -3.86 -36.54 -16.09
C ARG A 84 -3.16 -35.24 -16.42
N PRO A 85 -2.02 -35.29 -17.09
CA PRO A 85 -1.33 -34.05 -17.47
C PRO A 85 -2.22 -33.16 -18.31
N ALA A 86 -2.18 -31.87 -18.04
CA ALA A 86 -3.04 -30.91 -18.71
C ALA A 86 -2.39 -29.53 -18.68
N ILE A 87 -2.90 -28.65 -19.53
CA ILE A 87 -2.41 -27.28 -19.64
C ILE A 87 -3.33 -26.43 -18.77
N VAL A 88 -2.88 -26.08 -17.57
CA VAL A 88 -3.65 -25.23 -16.67
C VAL A 88 -3.43 -23.77 -17.06
N GLN A 89 -4.53 -23.05 -17.28
CA GLN A 89 -4.47 -21.65 -17.69
C GLN A 89 -4.77 -20.70 -16.55
N ASN A 90 -5.83 -20.96 -15.78
CA ASN A 90 -6.25 -20.09 -14.70
C ASN A 90 -6.53 -20.92 -13.45
N ILE A 91 -6.29 -20.31 -12.29
CA ILE A 91 -6.54 -20.92 -11.00
C ILE A 91 -7.57 -20.06 -10.26
N THR A 92 -8.62 -20.70 -9.77
CA THR A 92 -9.70 -20.02 -9.07
C THR A 92 -9.57 -20.29 -7.57
N PHE A 93 -9.47 -19.22 -6.79
CA PHE A 93 -9.39 -19.30 -5.34
C PHE A 93 -10.73 -18.88 -4.74
N GLY A 94 -11.26 -19.70 -3.84
CA GLY A 94 -12.48 -19.37 -3.14
C GLY A 94 -12.21 -18.45 -1.96
N LYS A 95 -13.29 -18.14 -1.25
CA LYS A 95 -13.20 -17.24 -0.10
C LYS A 95 -14.26 -17.63 0.92
N TYR A 96 -14.03 -17.19 2.16
CA TYR A 96 -15.02 -17.38 3.21
C TYR A 96 -16.20 -16.43 2.99
N GLU A 97 -17.31 -16.75 3.67
CA GLU A 97 -18.49 -15.91 3.54
C GLU A 97 -18.25 -14.50 4.05
N LYS A 98 -17.20 -14.28 4.83
CA LYS A 98 -16.83 -12.97 5.31
C LYS A 98 -15.31 -12.85 5.33
N THR A 99 -14.83 -11.61 5.44
CA THR A 99 -13.40 -11.38 5.44
C THR A 99 -12.73 -12.15 6.58
N HIS A 100 -11.61 -12.79 6.26
CA HIS A 100 -10.89 -13.64 7.20
C HIS A 100 -9.43 -13.19 7.28
N VAL A 101 -8.87 -13.26 8.49
CA VAL A 101 -7.50 -12.83 8.70
C VAL A 101 -6.52 -13.77 8.00
N CYS A 102 -6.81 -15.07 8.01
CA CYS A 102 -5.89 -16.06 7.46
C CYS A 102 -5.77 -15.99 5.95
N ASN A 103 -6.61 -15.20 5.28
CA ASN A 103 -6.54 -15.11 3.82
C ASN A 103 -5.14 -14.73 3.37
N LEU A 104 -4.70 -15.35 2.27
CA LEU A 104 -3.33 -15.21 1.80
C LEU A 104 -3.10 -13.81 1.28
N LYS A 105 -2.45 -12.97 2.09
CA LYS A 105 -2.09 -11.64 1.62
C LYS A 105 -1.09 -11.72 0.48
N LYS A 106 -0.24 -12.76 0.48
CA LYS A 106 0.70 -13.00 -0.61
C LYS A 106 0.94 -14.49 -0.71
N PHE A 107 1.19 -14.95 -1.94
CA PHE A 107 1.39 -16.38 -2.19
C PHE A 107 2.04 -16.54 -3.55
N LYS A 108 2.50 -17.76 -3.82
CA LYS A 108 3.11 -18.10 -5.10
C LYS A 108 2.57 -19.45 -5.56
N VAL A 109 2.60 -19.65 -6.88
CA VAL A 109 2.15 -20.89 -7.50
C VAL A 109 3.25 -21.38 -8.43
N PHE A 110 3.46 -22.69 -8.42
CA PHE A 110 4.44 -23.33 -9.29
C PHE A 110 3.80 -24.50 -10.01
N GLY A 111 4.26 -24.76 -11.21
CA GLY A 111 3.78 -25.88 -11.99
C GLY A 111 4.93 -26.74 -12.47
N GLY A 112 4.66 -28.04 -12.54
CA GLY A 112 5.68 -28.98 -13.00
C GLY A 112 5.15 -30.39 -13.10
N MET A 113 5.55 -31.11 -14.15
CA MET A 113 5.07 -32.47 -14.32
C MET A 113 5.70 -33.42 -13.31
N ASN A 114 6.86 -33.07 -12.77
CA ASN A 114 7.49 -33.80 -11.67
C ASN A 114 7.61 -32.85 -10.49
N GLU A 115 7.14 -33.29 -9.32
CA GLU A 115 7.19 -32.46 -8.13
C GLU A 115 8.63 -32.15 -7.72
N GLU A 116 9.59 -32.91 -8.24
CA GLU A 116 11.00 -32.66 -7.91
C GLU A 116 11.43 -31.27 -8.36
N ASN A 117 11.06 -30.87 -9.58
CA ASN A 117 11.40 -29.57 -10.14
C ASN A 117 10.14 -28.89 -10.63
N MET A 118 9.95 -27.63 -10.24
CA MET A 118 8.78 -26.86 -10.62
C MET A 118 9.20 -25.46 -11.01
N THR A 119 8.38 -24.80 -11.83
CA THR A 119 8.64 -23.45 -12.32
C THR A 119 7.51 -22.53 -11.89
N GLU A 120 7.86 -21.33 -11.45
CA GLU A 120 6.86 -20.39 -10.97
C GLU A 120 5.94 -19.98 -12.11
N LEU A 121 4.67 -19.79 -11.78
CA LEU A 121 3.65 -19.35 -12.74
C LEU A 121 2.90 -18.11 -12.31
N LEU A 122 2.70 -17.91 -11.01
CA LEU A 122 1.95 -16.75 -10.53
C LEU A 122 2.57 -16.29 -9.21
N SER A 123 2.52 -14.97 -8.99
CA SER A 123 3.01 -14.39 -7.74
C SER A 123 2.16 -13.16 -7.45
N SER A 124 1.13 -13.34 -6.64
CA SER A 124 0.19 -12.27 -6.33
C SER A 124 -0.32 -12.48 -4.91
N GLY A 125 -1.39 -11.79 -4.55
CA GLY A 125 -1.95 -11.89 -3.22
C GLY A 125 -3.46 -11.75 -3.19
N LEU A 126 -4.13 -12.68 -2.53
CA LEU A 126 -5.59 -12.62 -2.42
C LEU A 126 -6.01 -11.43 -1.57
N LYS A 127 -7.06 -10.75 -2.02
CA LYS A 127 -7.64 -9.66 -1.24
C LYS A 127 -8.45 -10.21 -0.08
N ASN A 128 -8.47 -9.47 1.01
CA ASN A 128 -9.22 -9.87 2.22
C ASN A 128 -10.71 -9.59 2.02
N ASP A 129 -11.29 -10.29 1.05
CA ASP A 129 -12.69 -10.12 0.68
C ASP A 129 -13.31 -11.49 0.47
N TYR A 130 -14.64 -11.54 0.57
CA TYR A 130 -15.38 -12.80 0.49
C TYR A 130 -15.72 -13.20 -0.94
N ASN A 131 -15.42 -12.36 -1.93
CA ASN A 131 -15.76 -12.69 -3.31
C ASN A 131 -14.71 -13.63 -3.90
N LYS A 132 -15.19 -14.63 -4.65
CA LYS A 132 -14.30 -15.57 -5.29
C LYS A 132 -13.39 -14.86 -6.28
N GLU A 133 -12.15 -15.33 -6.39
CA GLU A 133 -11.16 -14.72 -7.27
C GLU A 133 -10.64 -15.76 -8.25
N THR A 134 -10.08 -15.28 -9.36
CA THR A 134 -9.40 -16.14 -10.32
C THR A 134 -8.21 -15.40 -10.91
N PHE A 135 -7.10 -16.10 -11.06
CA PHE A 135 -5.86 -15.54 -11.56
C PHE A 135 -5.39 -16.35 -12.76
N THR A 136 -4.65 -15.68 -13.65
CA THR A 136 -4.10 -16.32 -14.84
C THR A 136 -2.66 -16.71 -14.57
N LEU A 137 -2.41 -18.01 -14.49
CA LEU A 137 -1.06 -18.50 -14.25
C LEU A 137 -0.19 -18.33 -15.49
N LYS A 138 1.07 -17.96 -15.28
CA LYS A 138 2.02 -17.86 -16.38
C LYS A 138 2.31 -19.26 -16.90
N HIS A 139 1.72 -19.60 -18.04
CA HIS A 139 1.82 -20.93 -18.63
C HIS A 139 2.17 -20.81 -20.11
N LYS A 140 3.01 -19.83 -20.46
CA LYS A 140 3.39 -19.60 -21.84
C LYS A 140 4.84 -19.18 -21.89
N ILE A 141 5.64 -19.90 -22.68
CA ILE A 141 6.99 -19.50 -23.03
C ILE A 141 6.97 -19.12 -24.50
N ASP A 142 7.20 -17.84 -24.78
CA ASP A 142 7.01 -17.28 -26.12
C ASP A 142 5.54 -17.51 -26.48
N GLU A 143 5.22 -18.12 -27.62
CA GLU A 143 3.84 -18.45 -27.97
C GLU A 143 3.48 -19.89 -27.63
N GLN A 144 4.39 -20.65 -27.03
CA GLN A 144 4.13 -22.05 -26.74
C GLN A 144 3.30 -22.19 -25.46
N MET A 145 2.70 -23.36 -25.31
CA MET A 145 1.85 -23.68 -24.17
C MET A 145 2.55 -24.74 -23.34
N PHE A 146 2.76 -24.45 -22.05
CA PHE A 146 3.48 -25.37 -21.19
C PHE A 146 2.49 -26.14 -20.32
N PRO A 147 2.29 -27.43 -20.53
CA PRO A 147 1.41 -28.20 -19.65
C PRO A 147 2.07 -28.54 -18.32
N CYS A 148 1.22 -28.94 -17.37
CA CYS A 148 1.67 -29.29 -16.04
C CYS A 148 0.80 -30.41 -15.49
N ARG A 149 1.33 -31.11 -14.48
CA ARG A 149 0.58 -32.16 -13.82
C ARG A 149 0.50 -31.91 -12.32
N PHE A 150 1.55 -31.31 -11.76
CA PHE A 150 1.61 -31.00 -10.34
C PHE A 150 1.63 -29.48 -10.17
N ILE A 151 0.75 -28.98 -9.29
CA ILE A 151 0.66 -27.55 -9.00
C ILE A 151 0.91 -27.36 -7.52
N LYS A 152 1.94 -26.60 -7.19
CA LYS A 152 2.35 -26.34 -5.81
C LYS A 152 1.97 -24.92 -5.44
N ILE A 153 1.14 -24.77 -4.42
CA ILE A 153 0.73 -23.47 -3.90
C ILE A 153 1.47 -23.23 -2.59
N VAL A 154 2.30 -22.19 -2.57
CA VAL A 154 3.09 -21.86 -1.39
C VAL A 154 2.67 -20.49 -0.89
N PRO A 155 1.92 -20.40 0.21
CA PRO A 155 1.62 -19.08 0.77
C PRO A 155 2.86 -18.45 1.37
N LEU A 156 2.90 -17.12 1.32
CA LEU A 156 4.03 -16.36 1.84
C LEU A 156 3.63 -15.50 3.04
N LEU A 157 2.62 -14.64 2.89
CA LEU A 157 2.18 -13.76 3.96
C LEU A 157 0.66 -13.84 4.08
N SER A 158 0.18 -13.84 5.31
CA SER A 158 -1.24 -13.75 5.61
C SER A 158 -1.60 -12.31 5.98
N TRP A 159 -2.87 -11.96 5.79
CA TRP A 159 -3.30 -10.62 6.14
C TRP A 159 -3.03 -10.31 7.61
N GLY A 160 -3.04 -11.34 8.45
CA GLY A 160 -2.56 -11.22 9.81
C GLY A 160 -1.22 -11.93 9.94
N PRO A 161 -0.12 -11.16 10.02
CA PRO A 161 1.20 -11.81 9.99
C PRO A 161 1.37 -12.88 11.06
N SER A 162 0.83 -12.67 12.26
CA SER A 162 0.92 -13.69 13.29
C SER A 162 0.19 -14.96 12.89
N PHE A 163 -0.99 -14.81 12.28
CA PHE A 163 -1.80 -15.96 11.93
C PHE A 163 -1.16 -16.78 10.83
N ASN A 164 -1.46 -18.07 10.81
CA ASN A 164 -0.89 -18.99 9.83
C ASN A 164 -1.69 -18.93 8.53
N PHE A 165 -1.10 -19.47 7.47
CA PHE A 165 -1.73 -19.47 6.16
C PHE A 165 -2.89 -20.46 6.12
N SER A 166 -3.89 -20.15 5.29
CA SER A 166 -5.06 -21.02 5.16
C SER A 166 -5.69 -20.80 3.80
N ILE A 167 -5.99 -21.90 3.10
CA ILE A 167 -6.60 -21.87 1.78
C ILE A 167 -7.96 -22.53 1.87
N TRP A 168 -8.97 -21.89 1.25
CA TRP A 168 -10.35 -22.34 1.38
C TRP A 168 -10.75 -23.30 0.28
N TYR A 169 -10.64 -22.87 -0.99
CA TYR A 169 -11.04 -23.69 -2.11
C TYR A 169 -10.27 -23.26 -3.34
N VAL A 170 -9.76 -24.24 -4.09
CA VAL A 170 -8.98 -24.00 -5.29
C VAL A 170 -9.58 -24.81 -6.43
N GLU A 171 -9.80 -24.16 -7.57
CA GLU A 171 -10.29 -24.80 -8.77
C GLU A 171 -9.33 -24.51 -9.91
N LEU A 172 -8.94 -25.55 -10.64
CA LEU A 172 -7.99 -25.43 -11.73
C LEU A 172 -8.73 -25.54 -13.06
N SER A 173 -8.52 -24.56 -13.93
CA SER A 173 -9.16 -24.52 -15.24
C SER A 173 -8.09 -24.53 -16.33
N GLY A 174 -8.45 -25.07 -17.48
CA GLY A 174 -7.52 -25.12 -18.59
C GLY A 174 -7.98 -26.14 -19.62
N ILE A 175 -7.01 -26.58 -20.42
CA ILE A 175 -7.24 -27.54 -21.50
C ILE A 175 -6.61 -28.86 -21.10
N ASP A 176 -7.46 -29.88 -20.91
CA ASP A 176 -7.01 -31.21 -20.53
C ASP A 176 -7.18 -32.23 -21.64
N ASP A 177 -7.71 -31.84 -22.79
CA ASP A 177 -7.89 -32.78 -23.88
C ASP A 177 -6.53 -33.25 -24.37
N PRO A 178 -6.32 -34.56 -24.57
CA PRO A 178 -5.00 -35.03 -25.03
C PRO A 178 -4.60 -34.44 -26.37
N ASP A 179 -5.55 -34.16 -27.26
CA ASP A 179 -5.21 -33.71 -28.60
C ASP A 179 -4.39 -32.43 -28.60
N ILE A 180 -4.46 -31.64 -27.53
CA ILE A 180 -3.70 -30.40 -27.41
C ILE A 180 -2.52 -30.55 -26.45
N VAL A 181 -2.73 -31.20 -25.32
CA VAL A 181 -1.65 -31.33 -24.33
C VAL A 181 -0.52 -32.19 -24.89
N GLN A 182 -0.86 -33.31 -25.53
CA GLN A 182 0.17 -34.21 -26.03
C GLN A 182 1.09 -33.56 -27.04
N PRO A 183 0.60 -32.86 -28.07
CA PRO A 183 1.53 -32.19 -28.99
C PRO A 183 2.43 -31.19 -28.30
N CYS A 184 1.91 -30.49 -27.27
CA CYS A 184 2.76 -29.57 -26.53
C CYS A 184 3.88 -30.31 -25.81
N LEU A 185 3.56 -31.45 -25.20
CA LEU A 185 4.60 -32.28 -24.58
C LEU A 185 5.62 -32.74 -25.60
N ASN A 186 5.15 -33.20 -26.75
CA ASN A 186 6.09 -33.65 -27.78
C ASN A 186 7.00 -32.51 -28.20
N TRP A 187 6.45 -31.31 -28.38
CA TRP A 187 7.26 -30.17 -28.77
C TRP A 187 8.27 -29.81 -27.69
N TYR A 188 7.84 -29.79 -26.42
CA TYR A 188 8.76 -29.43 -25.35
C TYR A 188 9.86 -30.46 -25.19
N SER A 189 9.54 -31.75 -25.28
CA SER A 189 10.56 -32.78 -25.23
C SER A 189 11.52 -32.66 -26.41
N LYS A 190 10.98 -32.34 -27.59
CA LYS A 190 11.83 -32.16 -28.75
C LYS A 190 12.77 -30.97 -28.56
N TYR A 191 12.27 -29.88 -27.96
CA TYR A 191 13.12 -28.72 -27.70
C TYR A 191 14.20 -29.05 -26.68
N ARG A 192 13.86 -29.79 -25.63
CA ARG A 192 14.86 -30.19 -24.64
C ARG A 192 15.93 -31.05 -25.28
N GLU A 193 15.51 -32.01 -26.11
CA GLU A 193 16.49 -32.86 -26.81
C GLU A 193 17.33 -32.05 -27.76
N GLN A 194 16.73 -31.05 -28.42
CA GLN A 194 17.49 -30.19 -29.32
C GLN A 194 18.57 -29.42 -28.55
N GLU A 195 18.20 -28.85 -27.41
CA GLU A 195 19.18 -28.15 -26.60
C GLU A 195 20.29 -29.09 -26.13
N ALA A 196 19.92 -30.30 -25.69
CA ALA A 196 20.92 -31.25 -25.22
C ALA A 196 21.87 -31.65 -26.34
N ILE A 197 21.35 -31.92 -27.54
CA ILE A 197 22.19 -32.34 -28.64
C ILE A 197 23.08 -31.18 -29.10
N ARG A 198 22.55 -29.96 -29.09
CA ARG A 198 23.37 -28.80 -29.41
C ARG A 198 24.52 -28.67 -28.43
N LEU A 199 24.23 -28.84 -27.14
CA LEU A 199 25.29 -28.75 -26.13
C LEU A 199 26.35 -29.83 -26.32
N CYS A 200 25.92 -31.07 -26.57
CA CYS A 200 26.91 -32.13 -26.72
C CYS A 200 27.76 -31.92 -27.97
N LEU A 201 27.14 -31.46 -29.07
CA LEU A 201 27.90 -31.17 -30.27
C LEU A 201 28.89 -30.03 -30.03
N LYS A 202 28.47 -29.01 -29.27
CA LYS A 202 29.38 -27.94 -28.90
C LYS A 202 30.57 -28.49 -28.13
N HIS A 203 30.30 -29.38 -27.17
CA HIS A 203 31.38 -29.98 -26.39
C HIS A 203 32.32 -30.78 -27.30
N PHE A 204 31.75 -31.57 -28.22
CA PHE A 204 32.57 -32.38 -29.11
C PHE A 204 33.47 -31.50 -29.97
N ARG A 205 32.92 -30.43 -30.54
CA ARG A 205 33.73 -29.58 -31.41
C ARG A 205 34.74 -28.76 -30.62
N GLN A 206 34.43 -28.41 -29.37
CA GLN A 206 35.44 -27.79 -28.51
C GLN A 206 36.58 -28.74 -28.24
N HIS A 207 36.26 -30.00 -27.93
CA HIS A 207 37.28 -31.01 -27.65
C HIS A 207 37.75 -31.74 -28.91
N ASN A 208 37.05 -31.57 -30.04
CA ASN A 208 37.44 -32.22 -31.29
C ASN A 208 37.60 -33.73 -31.08
N TYR A 209 36.65 -34.32 -30.36
CA TYR A 209 36.73 -35.76 -30.09
C TYR A 209 36.68 -36.57 -31.38
N THR A 210 35.80 -36.19 -32.29
CA THR A 210 35.68 -36.88 -33.58
C THR A 210 35.28 -35.88 -34.65
N GLU A 211 35.65 -36.20 -35.89
CA GLU A 211 35.30 -35.36 -37.03
C GLU A 211 33.95 -35.73 -37.64
N ALA A 212 33.44 -36.91 -37.32
CA ALA A 212 32.14 -37.36 -37.82
C ALA A 212 30.98 -36.94 -36.94
N PHE A 213 31.24 -36.18 -35.88
CA PHE A 213 30.17 -35.76 -34.98
C PHE A 213 29.08 -35.00 -35.73
N GLU A 214 29.43 -34.36 -36.85
CA GLU A 214 28.44 -33.63 -37.64
C GLU A 214 27.29 -34.54 -38.07
N SER A 215 27.53 -35.85 -38.19
CA SER A 215 26.46 -36.77 -38.53
C SER A 215 25.31 -36.64 -37.56
N LEU A 216 25.61 -36.47 -36.27
CA LEU A 216 24.56 -36.27 -35.28
C LEU A 216 23.71 -35.06 -35.65
N GLN A 217 24.34 -33.96 -36.05
CA GLN A 217 23.58 -32.81 -36.52
C GLN A 217 22.72 -33.19 -37.71
N LYS A 218 23.27 -33.97 -38.64
CA LYS A 218 22.49 -34.47 -39.77
C LYS A 218 21.26 -35.25 -39.31
N LYS A 219 21.33 -35.91 -38.16
CA LYS A 219 20.15 -36.59 -37.63
C LYS A 219 19.05 -35.60 -37.30
N THR A 220 19.41 -34.46 -36.71
CA THR A 220 18.45 -33.42 -36.37
C THR A 220 18.29 -32.37 -37.47
N LYS A 221 19.16 -32.37 -38.47
CA LYS A 221 19.10 -31.41 -39.58
C LYS A 221 19.24 -29.97 -39.09
N ILE A 222 19.81 -29.77 -37.91
CA ILE A 222 19.98 -28.44 -37.32
C ILE A 222 21.43 -28.31 -36.87
N ALA A 223 22.05 -27.19 -37.20
CA ALA A 223 23.43 -26.91 -36.83
C ALA A 223 23.46 -25.99 -35.62
N LEU A 224 24.43 -26.23 -34.73
CA LEU A 224 24.56 -25.43 -33.52
C LEU A 224 24.85 -23.97 -33.82
N GLU A 225 25.35 -23.67 -35.02
CA GLU A 225 25.68 -22.30 -35.41
C GLU A 225 25.00 -21.97 -36.73
N HIS A 226 24.83 -20.68 -36.98
CA HIS A 226 24.23 -20.23 -38.23
C HIS A 226 25.16 -20.53 -39.39
N PRO A 227 24.63 -20.55 -40.62
CA PRO A 227 25.46 -20.92 -41.77
C PRO A 227 26.72 -20.05 -41.89
N MET A 228 26.60 -18.75 -41.64
CA MET A 228 27.79 -17.90 -41.68
C MET A 228 28.78 -18.29 -40.59
N LEU A 229 28.29 -18.56 -39.39
CA LEU A 229 29.17 -18.98 -38.30
C LEU A 229 29.83 -20.31 -38.62
N THR A 230 29.07 -21.25 -39.18
CA THR A 230 29.64 -22.54 -39.54
C THR A 230 30.72 -22.38 -40.61
N ASP A 231 30.46 -21.55 -41.62
CA ASP A 231 31.45 -21.32 -42.66
C ASP A 231 32.72 -20.68 -42.08
N ILE A 232 32.55 -19.71 -41.19
CA ILE A 232 33.70 -19.05 -40.57
C ILE A 232 34.50 -20.05 -39.76
N HIS A 233 33.82 -20.90 -38.98
CA HIS A 233 34.53 -21.90 -38.18
C HIS A 233 35.28 -22.88 -39.08
N ASP A 234 34.65 -23.33 -40.16
CA ASP A 234 35.31 -24.25 -41.07
C ASP A 234 36.54 -23.60 -41.71
N LYS A 235 36.42 -22.34 -42.13
CA LYS A 235 37.55 -21.66 -42.73
C LYS A 235 38.69 -21.49 -41.72
N LEU A 236 38.36 -21.12 -40.48
CA LEU A 236 39.37 -20.93 -39.46
C LEU A 236 39.90 -22.24 -38.90
N VAL A 237 39.21 -23.35 -39.13
CA VAL A 237 39.66 -24.65 -38.62
C VAL A 237 40.46 -25.37 -39.68
N PHE A 242 45.48 -16.53 -41.65
CA PHE A 242 44.39 -15.74 -41.11
C PHE A 242 44.16 -14.47 -41.92
N ASP A 243 45.00 -14.25 -42.93
CA ASP A 243 44.87 -13.06 -43.77
C ASP A 243 43.52 -13.03 -44.46
N ALA A 244 43.08 -14.16 -45.01
CA ALA A 244 41.81 -14.24 -45.70
C ALA A 244 40.64 -14.53 -44.76
N CYS A 245 40.90 -15.23 -43.65
CA CYS A 245 39.84 -15.53 -42.70
C CYS A 245 39.28 -14.26 -42.08
N GLU A 246 40.13 -13.24 -41.91
CA GLU A 246 39.68 -12.00 -41.30
C GLU A 246 38.58 -11.33 -42.11
N GLU A 247 38.73 -11.35 -43.44
CA GLU A 247 37.73 -10.70 -44.30
C GLU A 247 36.36 -11.36 -44.16
N LEU A 248 36.33 -12.66 -43.89
CA LEU A 248 35.05 -13.34 -43.73
C LEU A 248 34.25 -12.74 -42.57
N ILE A 249 34.90 -12.48 -41.45
CA ILE A 249 34.21 -11.86 -40.32
C ILE A 249 34.04 -10.37 -40.55
N GLU A 250 34.94 -9.73 -41.30
CA GLU A 250 34.81 -8.32 -41.58
C GLU A 250 33.54 -8.04 -42.40
N LYS A 251 33.25 -8.90 -43.36
CA LYS A 251 32.02 -8.73 -44.15
C LYS A 251 30.78 -8.82 -43.25
N ALA A 252 30.75 -9.81 -42.35
CA ALA A 252 29.62 -9.93 -41.44
C ALA A 252 29.50 -8.72 -40.53
N VAL A 253 30.63 -8.23 -40.03
CA VAL A 253 30.60 -7.03 -39.17
C VAL A 253 30.04 -5.85 -39.94
N ASN A 254 30.50 -5.66 -41.18
CA ASN A 254 29.95 -4.60 -42.03
C ASN A 254 28.47 -4.83 -42.30
N ASP A 255 27.99 -6.07 -42.23
CA ASP A 255 26.58 -6.36 -42.40
C ASP A 255 25.73 -5.80 -41.26
N GLY A 256 26.34 -5.37 -40.16
CA GLY A 256 25.60 -4.80 -39.06
C GLY A 256 25.04 -5.80 -38.07
N LEU A 257 25.44 -7.07 -38.16
CA LEU A 257 24.94 -8.09 -37.24
C LEU A 257 25.48 -7.93 -35.83
N PHE A 258 26.49 -7.08 -35.62
CA PHE A 258 27.13 -6.91 -34.33
C PHE A 258 26.53 -5.74 -33.54
N ASN A 259 25.42 -5.16 -34.02
CA ASN A 259 24.83 -4.02 -33.34
C ASN A 259 24.39 -4.40 -31.93
N GLN A 260 23.80 -5.58 -31.77
CA GLN A 260 23.35 -6.02 -30.45
C GLN A 260 24.53 -6.14 -29.49
N TYR A 261 25.64 -6.71 -29.96
CA TYR A 261 26.82 -6.84 -29.11
C TYR A 261 27.35 -5.46 -28.70
N ILE A 262 27.39 -4.52 -29.65
CA ILE A 262 27.86 -3.18 -29.33
C ILE A 262 26.95 -2.54 -28.28
N SER A 263 25.65 -2.70 -28.44
CA SER A 263 24.72 -2.16 -27.45
C SER A 263 24.93 -2.79 -26.09
N GLN A 264 25.20 -4.11 -26.06
CA GLN A 264 25.43 -4.79 -24.79
C GLN A 264 26.63 -4.23 -24.04
N GLN A 265 27.62 -3.70 -24.74
CA GLN A 265 28.80 -3.13 -24.10
C GLN A 265 28.42 -1.97 -23.20
N PRO A 269 29.26 10.36 -19.75
CA PRO A 269 30.51 9.65 -19.45
C PRO A 269 31.74 10.32 -20.07
N ARG A 270 31.52 11.20 -21.04
CA ARG A 270 32.59 11.90 -21.74
C ARG A 270 32.26 13.38 -21.85
N TRP A 271 31.85 13.98 -20.74
CA TRP A 271 31.54 15.39 -20.72
C TRP A 271 32.75 16.21 -21.17
N SER A 272 32.50 17.22 -22.01
CA SER A 272 33.58 18.07 -22.51
C SER A 272 32.97 19.45 -22.78
N GLN A 273 33.14 20.37 -21.83
CA GLN A 273 32.65 21.73 -22.01
C GLN A 273 33.46 22.42 -23.10
N ILE A 274 32.80 22.83 -24.17
CA ILE A 274 33.44 23.46 -25.31
C ILE A 274 33.06 24.93 -25.34
N ILE A 275 34.06 25.79 -25.53
CA ILE A 275 33.85 27.23 -25.55
C ILE A 275 33.98 27.72 -26.99
N PRO A 276 33.26 28.77 -27.38
CA PRO A 276 33.39 29.26 -28.76
C PRO A 276 34.76 29.89 -29.00
N LYS A 277 35.16 29.88 -30.26
CA LYS A 277 36.44 30.47 -30.66
C LYS A 277 36.50 31.95 -30.31
N ASP A 285 32.92 38.05 -28.05
CA ASP A 285 31.80 38.84 -28.53
C ASP A 285 30.81 37.96 -29.30
N ASN A 286 31.35 37.11 -30.18
CA ASN A 286 30.54 36.20 -30.99
C ASN A 286 30.21 34.97 -30.15
N ARG A 287 29.24 35.13 -29.25
CA ARG A 287 28.81 34.06 -28.37
C ARG A 287 27.38 34.34 -27.93
N PRO A 288 26.65 33.34 -27.48
CA PRO A 288 25.27 33.55 -27.05
C PRO A 288 25.22 34.14 -25.64
N GLY A 289 23.99 34.31 -25.14
CA GLY A 289 23.78 34.85 -23.81
C GLY A 289 22.91 33.91 -22.98
N MET A 290 22.84 34.21 -21.69
CA MET A 290 22.01 33.43 -20.79
C MET A 290 20.57 33.42 -21.28
N ARG A 291 19.96 32.23 -21.30
CA ARG A 291 18.60 32.10 -21.81
C ARG A 291 18.06 30.74 -21.39
N GLY A 292 16.80 30.73 -20.95
CA GLY A 292 16.11 29.50 -20.58
C GLY A 292 14.87 29.32 -21.43
N GLY A 293 14.57 28.06 -21.74
CA GLY A 293 13.44 27.74 -22.57
C GLY A 293 13.67 27.88 -24.06
N HIS A 294 14.90 28.17 -24.48
CA HIS A 294 15.21 28.33 -25.89
C HIS A 294 15.03 26.99 -26.62
N GLN A 295 15.24 27.02 -27.93
CA GLN A 295 15.15 25.81 -28.74
C GLN A 295 16.39 25.70 -29.62
N MET A 296 16.75 24.47 -29.96
CA MET A 296 17.94 24.24 -30.77
C MET A 296 17.79 22.89 -31.48
N VAL A 297 18.30 22.84 -32.71
CA VAL A 297 18.28 21.63 -33.52
C VAL A 297 19.67 21.40 -34.10
N ILE A 298 19.91 20.18 -34.56
CA ILE A 298 21.21 19.76 -35.07
C ILE A 298 21.06 19.19 -36.46
N ASP A 299 21.92 19.61 -37.38
CA ASP A 299 22.03 19.04 -38.72
C ASP A 299 23.32 18.25 -38.78
N VAL A 300 23.20 16.92 -38.81
CA VAL A 300 24.38 16.06 -38.82
C VAL A 300 25.09 16.14 -40.16
N GLN A 301 24.34 16.12 -41.26
CA GLN A 301 24.98 16.18 -42.58
C GLN A 301 25.72 17.50 -42.77
N THR A 302 25.11 18.61 -42.38
CA THR A 302 25.80 19.90 -42.38
C THR A 302 26.74 20.04 -41.20
N GLU A 303 26.58 19.19 -40.17
CA GLU A 303 27.44 19.23 -38.98
C GLU A 303 27.39 20.61 -38.34
N THR A 304 26.19 21.01 -37.91
CA THR A 304 25.98 22.32 -37.32
C THR A 304 24.80 22.25 -36.36
N VAL A 305 24.66 23.28 -35.55
CA VAL A 305 23.55 23.40 -34.61
C VAL A 305 22.93 24.79 -34.76
N TYR A 306 21.62 24.84 -34.94
CA TYR A 306 20.87 26.08 -35.06
C TYR A 306 20.12 26.33 -33.77
N LEU A 307 20.36 27.47 -33.15
CA LEU A 307 19.73 27.85 -31.89
C LEU A 307 18.85 29.08 -32.11
N PHE A 308 17.69 29.10 -31.47
CA PHE A 308 16.77 30.22 -31.60
C PHE A 308 15.93 30.33 -30.33
N GLY A 309 15.53 31.56 -30.02
CA GLY A 309 14.64 31.80 -28.91
C GLY A 309 15.33 31.71 -27.57
N GLY A 310 14.51 31.74 -26.52
CA GLY A 310 14.99 31.66 -25.16
C GLY A 310 14.58 32.86 -24.34
N TRP A 311 14.46 32.67 -23.03
CA TRP A 311 14.08 33.73 -22.10
C TRP A 311 15.22 33.93 -21.11
N ASP A 312 15.81 35.13 -21.12
CA ASP A 312 16.94 35.46 -20.26
C ASP A 312 16.49 36.09 -18.94
N GLY A 313 15.28 35.81 -18.50
CA GLY A 313 14.76 36.40 -17.26
C GLY A 313 14.26 37.81 -17.43
N THR A 314 15.07 38.70 -18.01
CA THR A 314 14.64 40.08 -18.20
C THR A 314 13.63 40.20 -19.33
N GLN A 315 13.85 39.48 -20.43
CA GLN A 315 12.99 39.60 -21.59
C GLN A 315 13.18 38.37 -22.47
N ASP A 316 12.26 38.19 -23.42
CA ASP A 316 12.38 37.11 -24.38
C ASP A 316 13.46 37.45 -25.41
N LEU A 317 13.79 36.45 -26.22
CA LEU A 317 14.86 36.59 -27.21
C LEU A 317 14.37 36.09 -28.57
N ALA A 318 14.91 36.70 -29.62
CA ALA A 318 14.63 36.29 -30.99
C ALA A 318 15.90 36.03 -31.78
N ASP A 319 17.05 35.97 -31.12
CA ASP A 319 18.32 35.80 -31.84
C ASP A 319 18.39 34.40 -32.42
N PHE A 320 18.80 34.32 -33.69
CA PHE A 320 19.02 33.05 -34.38
C PHE A 320 20.52 32.92 -34.63
N TRP A 321 21.10 31.84 -34.11
CA TRP A 321 22.52 31.55 -34.25
C TRP A 321 22.72 30.21 -34.93
N ALA A 322 23.82 30.10 -35.68
CA ALA A 322 24.19 28.86 -36.36
C ALA A 322 25.65 28.57 -36.02
N TYR A 323 25.88 27.60 -35.13
CA TYR A 323 27.21 27.25 -34.68
C TYR A 323 27.70 26.02 -35.44
N SER A 324 28.86 26.14 -36.07
CA SER A 324 29.45 25.06 -36.85
C SER A 324 30.44 24.31 -35.96
N VAL A 325 30.23 23.00 -35.81
CA VAL A 325 31.10 22.19 -34.96
C VAL A 325 32.51 22.16 -35.54
N LYS A 326 32.62 22.02 -36.86
CA LYS A 326 33.94 21.91 -37.48
C LYS A 326 34.78 23.15 -37.22
N GLU A 327 34.18 24.33 -37.38
CA GLU A 327 34.89 25.58 -37.14
C GLU A 327 34.88 26.01 -35.68
N ASN A 328 34.04 25.40 -34.84
CA ASN A 328 33.94 25.78 -33.45
C ASN A 328 33.66 27.27 -33.30
N GLN A 329 32.84 27.80 -34.21
CA GLN A 329 32.48 29.21 -34.24
C GLN A 329 30.98 29.35 -34.01
N TRP A 330 30.62 30.17 -33.03
CA TRP A 330 29.21 30.45 -32.74
C TRP A 330 28.74 31.59 -33.64
N THR A 331 28.65 31.28 -34.94
CA THR A 331 28.30 32.29 -35.92
C THR A 331 26.88 32.80 -35.68
N CYS A 332 26.65 34.06 -36.05
CA CYS A 332 25.37 34.72 -35.86
C CYS A 332 24.62 34.78 -37.18
N ILE A 333 23.38 34.35 -37.18
CA ILE A 333 22.51 34.44 -38.35
C ILE A 333 21.65 35.70 -38.30
N SER A 334 21.12 36.04 -37.14
CA SER A 334 20.31 37.25 -37.01
C SER A 334 20.12 37.57 -35.54
N ARG A 335 19.95 38.85 -35.25
CA ARG A 335 19.60 39.31 -33.92
C ARG A 335 18.10 39.50 -33.73
N ASP A 336 17.33 39.46 -34.81
CA ASP A 336 15.87 39.57 -34.71
C ASP A 336 15.27 38.94 -35.96
N THR A 337 14.66 37.76 -35.79
CA THR A 337 14.11 37.05 -36.94
C THR A 337 12.97 37.82 -37.59
N GLU A 338 12.22 38.59 -36.81
CA GLU A 338 11.09 39.34 -37.36
C GLU A 338 11.56 40.33 -38.42
N LYS A 339 12.77 40.88 -38.29
CA LYS A 339 13.29 41.78 -39.30
C LYS A 339 13.44 41.07 -40.65
N GLU A 340 13.70 39.76 -40.63
CA GLU A 340 13.82 38.95 -41.84
C GLU A 340 12.54 38.19 -42.13
N ASN A 341 11.38 38.73 -41.76
CA ASN A 341 10.08 38.09 -41.95
C ASN A 341 9.92 36.87 -41.04
N GLY A 342 10.64 36.84 -39.92
CA GLY A 342 10.56 35.74 -38.99
C GLY A 342 9.59 36.02 -37.85
N PRO A 343 9.60 35.16 -36.84
CA PRO A 343 8.73 35.34 -35.68
C PRO A 343 9.29 36.38 -34.72
N SER A 344 8.58 36.59 -33.62
CA SER A 344 8.95 37.56 -32.61
C SER A 344 9.82 36.89 -31.54
N ALA A 345 10.15 37.63 -30.49
CA ALA A 345 10.99 37.14 -29.41
C ALA A 345 10.10 36.45 -28.38
N ARG A 346 10.09 35.12 -28.38
CA ARG A 346 9.31 34.35 -27.44
C ARG A 346 10.07 33.08 -27.08
N SER A 347 9.76 32.52 -25.92
CA SER A 347 10.43 31.35 -25.39
C SER A 347 9.44 30.21 -25.22
N CYS A 348 9.97 29.05 -24.85
CA CYS A 348 9.17 27.85 -24.60
C CYS A 348 8.36 27.47 -25.85
N HIS A 349 9.09 27.14 -26.91
CA HIS A 349 8.52 26.74 -28.18
C HIS A 349 9.24 25.50 -28.68
N LYS A 350 8.83 25.00 -29.85
CA LYS A 350 9.42 23.80 -30.43
C LYS A 350 9.60 24.02 -31.92
N MET A 351 10.54 23.28 -32.49
CA MET A 351 10.83 23.36 -33.92
C MET A 351 11.66 22.16 -34.33
N CYS A 352 11.54 21.77 -35.60
CA CYS A 352 12.25 20.62 -36.15
C CYS A 352 13.13 21.09 -37.30
N ILE A 353 13.95 20.15 -37.80
CA ILE A 353 14.91 20.44 -38.85
C ILE A 353 14.79 19.38 -39.94
N ASP A 354 14.82 19.82 -41.20
CA ASP A 354 14.77 18.94 -42.36
C ASP A 354 16.15 18.90 -43.00
N ILE A 355 16.84 17.77 -42.86
CA ILE A 355 18.16 17.63 -43.46
C ILE A 355 18.08 17.70 -44.98
N GLN A 356 17.09 17.01 -45.56
CA GLN A 356 16.97 16.97 -47.02
C GLN A 356 16.55 18.31 -47.60
N ARG A 357 16.02 19.22 -46.78
CA ARG A 357 15.57 20.52 -47.25
C ARG A 357 16.25 21.69 -46.55
N ARG A 358 16.96 21.46 -45.45
CA ARG A 358 17.60 22.53 -44.69
C ARG A 358 16.58 23.60 -44.31
N GLN A 359 15.39 23.16 -43.87
CA GLN A 359 14.30 24.04 -43.51
C GLN A 359 13.89 23.77 -42.07
N ILE A 360 13.46 24.82 -41.38
CA ILE A 360 13.07 24.76 -39.98
C ILE A 360 11.61 25.16 -39.86
N TYR A 361 10.82 24.32 -39.22
CA TYR A 361 9.41 24.59 -38.98
C TYR A 361 9.20 24.84 -37.50
N THR A 362 8.66 26.01 -37.15
CA THR A 362 8.46 26.40 -35.76
C THR A 362 6.99 26.68 -35.52
N LEU A 363 6.45 26.12 -34.45
CA LEU A 363 5.03 26.26 -34.14
C LEU A 363 4.86 26.17 -32.62
N GLY A 364 4.00 27.04 -32.09
CA GLY A 364 3.70 27.03 -30.67
C GLY A 364 4.66 27.89 -29.86
N ARG A 365 4.11 28.72 -28.99
CA ARG A 365 4.90 29.62 -28.15
C ARG A 365 4.15 29.87 -26.86
N TYR A 366 4.89 30.32 -25.85
CA TYR A 366 4.33 30.58 -24.52
C TYR A 366 4.14 32.07 -24.32
N LEU A 367 2.92 32.46 -23.93
CA LEU A 367 2.58 33.86 -23.68
C LEU A 367 2.06 34.00 -22.26
N ASP A 368 2.44 35.09 -21.61
CA ASP A 368 2.03 35.33 -20.24
C ASP A 368 0.51 35.54 -20.17
N SER A 369 -0.06 35.23 -19.01
CA SER A 369 -1.50 35.39 -18.82
C SER A 369 -1.90 36.85 -19.01
N SER A 370 -1.08 37.78 -18.52
CA SER A 370 -1.41 39.20 -18.64
C SER A 370 -1.51 39.63 -20.10
N VAL A 371 -0.58 39.15 -20.93
CA VAL A 371 -0.56 39.53 -22.34
C VAL A 371 -1.38 38.54 -23.16
N ARG A 372 -2.16 37.70 -22.48
CA ARG A 372 -2.97 36.69 -23.15
C ARG A 372 -4.25 37.35 -23.68
N ASN A 373 -4.36 37.44 -25.00
CA ASN A 373 -5.53 38.01 -25.65
C ASN A 373 -5.92 37.13 -26.83
N SER A 374 -7.21 37.18 -27.19
CA SER A 374 -7.70 36.34 -28.27
C SER A 374 -6.94 36.61 -29.56
N LYS A 375 -6.71 37.89 -29.89
CA LYS A 375 -5.95 38.22 -31.08
C LYS A 375 -4.49 37.82 -30.93
N SER A 376 -3.95 37.92 -29.71
CA SER A 376 -2.54 37.68 -29.46
C SER A 376 -2.20 36.21 -29.21
N LEU A 377 -3.20 35.34 -29.10
CA LEU A 377 -2.96 33.93 -28.84
C LEU A 377 -3.14 33.06 -30.09
N LYS A 378 -3.04 33.66 -31.28
CA LYS A 378 -3.17 32.89 -32.50
C LYS A 378 -2.06 31.86 -32.60
N SER A 379 -2.39 30.67 -33.11
CA SER A 379 -1.43 29.58 -33.24
C SER A 379 -0.52 29.87 -34.42
N ASP A 380 0.53 30.63 -34.15
CA ASP A 380 1.48 31.01 -35.18
C ASP A 380 2.26 29.79 -35.65
N PHE A 381 2.64 29.81 -36.94
CA PHE A 381 3.39 28.71 -37.54
C PHE A 381 4.27 29.29 -38.63
N TYR A 382 5.58 29.22 -38.45
CA TYR A 382 6.54 29.83 -39.35
C TYR A 382 7.48 28.78 -39.93
N ARG A 383 8.00 29.07 -41.11
CA ARG A 383 9.00 28.24 -41.78
C ARG A 383 10.18 29.10 -42.18
N TYR A 384 11.38 28.57 -41.98
CA TYR A 384 12.63 29.25 -42.26
C TYR A 384 13.45 28.43 -43.23
N ASP A 385 13.97 29.07 -44.26
CA ASP A 385 14.80 28.43 -45.27
C ASP A 385 16.26 28.79 -44.97
N ILE A 386 16.95 27.89 -44.28
CA ILE A 386 18.36 28.14 -43.94
C ILE A 386 19.20 28.29 -45.20
N ASP A 387 18.81 27.59 -46.28
CA ASP A 387 19.58 27.67 -47.52
C ASP A 387 19.60 29.10 -48.05
N THR A 388 18.47 29.79 -48.02
CA THR A 388 18.38 31.17 -48.48
C THR A 388 18.33 32.17 -47.33
N ASN A 389 18.30 31.70 -46.09
CA ASN A 389 18.23 32.59 -44.92
C ASN A 389 17.05 33.54 -45.02
N THR A 390 15.90 33.00 -45.44
CA THR A 390 14.67 33.78 -45.57
C THR A 390 13.55 33.08 -44.80
N TRP A 391 12.83 33.84 -43.99
CA TRP A 391 11.70 33.32 -43.24
C TRP A 391 10.43 33.42 -44.06
N MET A 392 9.41 32.69 -43.63
CA MET A 392 8.09 32.76 -44.27
C MET A 392 7.05 32.33 -43.25
N LEU A 393 5.87 32.93 -43.34
CA LEU A 393 4.77 32.66 -42.42
C LEU A 393 3.90 31.56 -43.00
N LEU A 394 4.07 30.34 -42.49
CA LEU A 394 3.24 29.24 -42.96
C LEU A 394 1.77 29.48 -42.65
N SER A 395 1.47 29.97 -41.46
CA SER A 395 0.09 30.24 -41.07
C SER A 395 0.07 31.15 -39.85
N GLU A 396 -0.64 32.27 -39.96
CA GLU A 396 -0.77 33.16 -38.82
C GLU A 396 -1.54 32.52 -37.68
N ASP A 397 -2.52 31.66 -38.00
CA ASP A 397 -3.32 30.99 -36.98
C ASP A 397 -3.69 29.61 -37.52
N THR A 398 -2.92 28.60 -37.13
CA THR A 398 -3.18 27.24 -37.60
C THR A 398 -4.51 26.70 -37.10
N ALA A 399 -5.04 27.25 -36.01
CA ALA A 399 -6.32 26.78 -35.49
C ALA A 399 -7.43 26.97 -36.51
N ALA A 400 -7.48 28.14 -37.15
CA ALA A 400 -8.48 28.36 -38.19
C ALA A 400 -8.29 27.42 -39.36
N ASP A 401 -7.04 27.18 -39.76
CA ASP A 401 -6.76 26.28 -40.87
C ASP A 401 -7.04 24.83 -40.52
N GLY A 402 -7.29 24.50 -39.26
CA GLY A 402 -7.54 23.14 -38.83
C GLY A 402 -6.42 22.54 -38.02
N GLY A 403 -5.34 23.27 -37.75
CA GLY A 403 -4.25 22.76 -36.97
C GLY A 403 -4.47 22.96 -35.48
N PRO A 404 -3.50 22.57 -34.66
CA PRO A 404 -3.64 22.73 -33.21
C PRO A 404 -3.66 24.20 -32.82
N LYS A 405 -4.36 24.48 -31.73
CA LYS A 405 -4.38 25.83 -31.18
C LYS A 405 -3.02 26.18 -30.61
N LEU A 406 -2.89 27.41 -30.10
CA LEU A 406 -1.65 27.83 -29.49
C LEU A 406 -1.36 26.97 -28.28
N VAL A 407 -0.20 26.29 -28.29
CA VAL A 407 0.20 25.39 -27.23
C VAL A 407 1.63 25.71 -26.82
N PHE A 408 1.97 25.28 -25.60
CA PHE A 408 3.31 25.43 -25.07
C PHE A 408 3.75 24.12 -24.44
N ASP A 409 5.07 23.90 -24.41
CA ASP A 409 5.62 22.67 -23.86
C ASP A 409 5.08 21.45 -24.59
N HIS A 410 4.93 21.57 -25.91
CA HIS A 410 4.47 20.49 -26.76
C HIS A 410 5.68 19.77 -27.37
N GLN A 411 5.42 18.87 -28.31
CA GLN A 411 6.48 18.13 -28.98
C GLN A 411 6.19 18.06 -30.47
N MET A 412 7.25 18.05 -31.27
CA MET A 412 7.14 18.03 -32.72
C MET A 412 8.24 17.15 -33.30
N CYS A 413 7.94 16.54 -34.44
CA CYS A 413 8.92 15.70 -35.13
C CYS A 413 8.62 15.73 -36.63
N MET A 414 9.61 15.32 -37.41
CA MET A 414 9.53 15.38 -38.87
C MET A 414 9.88 14.02 -39.46
N ASP A 415 9.30 13.74 -40.63
CA ASP A 415 9.53 12.50 -41.37
C ASP A 415 9.84 12.91 -42.82
N SER A 416 11.13 12.91 -43.16
CA SER A 416 11.53 13.33 -44.50
C SER A 416 11.15 12.30 -45.56
N GLU A 417 10.94 11.04 -45.18
CA GLU A 417 10.52 10.04 -46.16
C GLU A 417 9.21 10.42 -46.81
N LYS A 418 8.25 10.88 -46.00
CA LYS A 418 6.98 11.40 -46.50
C LYS A 418 6.87 12.91 -46.34
N HIS A 419 7.90 13.56 -45.78
CA HIS A 419 7.85 15.00 -45.52
C HIS A 419 6.61 15.37 -44.73
N MET A 420 6.38 14.62 -43.66
CA MET A 420 5.21 14.80 -42.80
C MET A 420 5.69 15.25 -41.43
N ILE A 421 5.11 16.33 -40.91
CA ILE A 421 5.47 16.87 -39.61
C ILE A 421 4.34 16.55 -38.64
N TYR A 422 4.69 15.91 -37.53
CA TYR A 422 3.73 15.48 -36.52
C TYR A 422 3.93 16.28 -35.24
N THR A 423 2.85 16.86 -34.74
CA THR A 423 2.85 17.61 -33.49
C THR A 423 1.95 16.91 -32.49
N PHE A 424 2.44 16.75 -31.27
CA PHE A 424 1.69 16.07 -30.22
C PHE A 424 1.89 16.79 -28.90
N GLY A 425 0.86 16.73 -28.05
CA GLY A 425 0.93 17.32 -26.73
C GLY A 425 0.76 18.82 -26.76
N GLY A 426 0.92 19.42 -25.58
CA GLY A 426 0.85 20.86 -25.44
C GLY A 426 -0.48 21.34 -24.91
N ARG A 427 -0.47 21.99 -23.75
CA ARG A 427 -1.68 22.56 -23.19
C ARG A 427 -2.07 23.80 -23.98
N ILE A 428 -3.32 23.84 -24.45
CA ILE A 428 -3.77 24.97 -25.26
C ILE A 428 -3.97 26.18 -24.36
N LEU A 429 -3.45 27.32 -24.80
CA LEU A 429 -3.55 28.56 -24.04
C LEU A 429 -4.84 29.29 -24.39
N THR A 430 -5.54 29.77 -23.38
CA THR A 430 -6.79 30.49 -23.55
C THR A 430 -6.75 31.78 -22.75
N CYS A 431 -7.37 32.82 -23.30
CA CYS A 431 -7.42 34.11 -22.62
C CYS A 431 -8.21 34.00 -21.32
N ASN A 432 -7.75 34.72 -20.30
CA ASN A 432 -8.41 34.70 -19.00
C ASN A 432 -9.84 35.24 -19.11
N SER A 441 -10.99 27.16 -15.99
CA SER A 441 -11.67 25.89 -16.23
C SER A 441 -10.65 24.75 -16.27
N GLU A 442 -11.15 23.55 -16.56
CA GLU A 442 -10.28 22.39 -16.63
C GLU A 442 -9.30 22.54 -17.79
N PRO A 443 -7.99 22.36 -17.57
CA PRO A 443 -7.04 22.52 -18.68
C PRO A 443 -7.32 21.53 -19.79
N GLN A 444 -7.12 21.99 -21.03
CA GLN A 444 -7.32 21.17 -22.22
C GLN A 444 -5.98 20.98 -22.91
N PHE A 445 -5.67 19.74 -23.29
CA PHE A 445 -4.41 19.38 -23.91
C PHE A 445 -4.67 18.95 -25.35
N SER A 446 -3.97 19.59 -26.29
CA SER A 446 -4.14 19.26 -27.69
C SER A 446 -3.65 17.84 -27.97
N GLY A 447 -4.35 17.15 -28.86
CA GLY A 447 -4.00 15.80 -29.24
C GLY A 447 -2.97 15.75 -30.36
N LEU A 448 -2.83 14.57 -30.94
CA LEU A 448 -1.90 14.39 -32.05
C LEU A 448 -2.45 15.05 -33.30
N PHE A 449 -1.56 15.67 -34.07
CA PHE A 449 -1.92 16.33 -35.33
C PHE A 449 -0.93 15.91 -36.41
N ALA A 450 -1.15 16.43 -37.61
CA ALA A 450 -0.26 16.15 -38.75
C ALA A 450 -0.47 17.23 -39.79
N PHE A 451 0.60 17.92 -40.16
CA PHE A 451 0.56 18.99 -41.16
C PHE A 451 1.33 18.56 -42.39
N ASN A 452 0.79 18.90 -43.56
CA ASN A 452 1.42 18.55 -44.83
C ASN A 452 2.48 19.58 -45.16
N CYS A 453 3.74 19.16 -45.13
CA CYS A 453 4.84 20.05 -45.48
C CYS A 453 4.83 20.42 -46.97
N GLN A 454 4.09 19.67 -47.79
CA GLN A 454 3.98 19.94 -49.22
C GLN A 454 2.62 20.46 -49.61
N CYS A 455 1.55 19.77 -49.20
CA CYS A 455 0.20 20.19 -49.54
C CYS A 455 -0.30 21.35 -48.69
N GLN A 456 0.39 21.68 -47.59
CA GLN A 456 0.00 22.77 -46.71
C GLN A 456 -1.43 22.57 -46.21
N THR A 457 -1.63 21.48 -45.46
CA THR A 457 -2.94 21.13 -44.95
C THR A 457 -2.77 20.49 -43.58
N TRP A 458 -3.70 20.77 -42.68
CA TRP A 458 -3.66 20.26 -41.32
C TRP A 458 -4.62 19.09 -41.19
N LYS A 459 -4.14 17.99 -40.62
CA LYS A 459 -4.94 16.79 -40.40
C LYS A 459 -4.75 16.30 -38.98
N LEU A 460 -5.84 15.91 -38.34
CA LEU A 460 -5.82 15.37 -36.99
C LEU A 460 -5.83 13.86 -37.06
N LEU A 461 -4.90 13.22 -36.35
CA LEU A 461 -4.76 11.77 -36.36
C LEU A 461 -5.47 11.13 -35.17
N ARG A 462 -5.11 11.55 -33.96
CA ARG A 462 -5.70 10.98 -32.73
C ARG A 462 -6.00 12.13 -31.79
N GLU A 463 -7.29 12.40 -31.56
CA GLU A 463 -7.68 13.44 -30.63
C GLU A 463 -7.38 13.01 -29.20
N ASP A 464 -7.24 14.00 -28.32
CA ASP A 464 -7.01 13.72 -26.91
C ASP A 464 -8.09 12.81 -26.36
N SER A 465 -7.70 11.59 -25.97
CA SER A 465 -8.64 10.60 -25.45
C SER A 465 -8.02 9.98 -24.19
N CYS A 466 -8.53 10.40 -23.03
CA CYS A 466 -8.06 9.90 -21.75
C CYS A 466 -8.91 8.75 -21.22
N ASN A 467 -9.80 8.20 -22.05
CA ASN A 467 -10.64 7.07 -21.66
C ASN A 467 -9.95 5.73 -21.86
N ALA A 468 -8.70 5.72 -22.36
CA ALA A 468 -7.93 4.49 -22.53
C ALA A 468 -8.63 3.52 -23.47
N GLY A 469 -8.93 3.99 -24.68
CA GLY A 469 -9.51 3.15 -25.69
C GLY A 469 -8.46 2.30 -26.37
N PRO A 470 -8.92 1.42 -27.26
CA PRO A 470 -7.97 0.54 -27.97
C PRO A 470 -6.94 1.30 -28.78
N GLU A 471 -7.31 2.43 -29.37
CA GLU A 471 -6.41 3.25 -30.19
C GLU A 471 -6.46 4.70 -29.76
N ASP A 472 -6.40 4.92 -28.45
CA ASP A 472 -6.48 6.25 -27.87
C ASP A 472 -5.12 6.70 -27.37
N ILE A 473 -4.77 7.95 -27.66
CA ILE A 473 -3.53 8.55 -27.22
C ILE A 473 -3.86 9.67 -26.23
N GLN A 474 -3.23 9.66 -25.07
CA GLN A 474 -3.49 10.64 -24.04
C GLN A 474 -2.53 11.82 -24.21
N SER A 475 -3.08 13.01 -24.40
CA SER A 475 -2.26 14.21 -24.54
C SER A 475 -1.58 14.54 -23.23
N ARG A 476 -0.40 15.16 -23.32
CA ARG A 476 0.40 15.44 -22.15
C ARG A 476 1.38 16.57 -22.48
N ILE A 477 1.96 17.15 -21.43
CA ILE A 477 2.94 18.22 -21.55
C ILE A 477 4.21 17.80 -20.83
N GLY A 478 5.35 18.27 -21.33
CA GLY A 478 6.63 17.89 -20.78
C GLY A 478 7.09 16.50 -21.17
N HIS A 479 6.39 15.84 -22.08
CA HIS A 479 6.73 14.49 -22.49
C HIS A 479 7.88 14.52 -23.49
N CYS A 480 8.24 13.34 -23.99
CA CYS A 480 9.24 13.18 -25.02
C CYS A 480 8.66 12.31 -26.13
N MET A 481 8.52 12.89 -27.32
CA MET A 481 8.01 12.19 -28.49
C MET A 481 9.10 12.22 -29.56
N LEU A 482 9.46 11.04 -30.07
CA LEU A 482 10.59 10.89 -30.98
C LEU A 482 10.16 10.07 -32.18
N PHE A 483 10.65 10.45 -33.36
CA PHE A 483 10.29 9.77 -34.60
C PHE A 483 11.37 8.76 -34.96
N HIS A 484 10.98 7.49 -34.98
CA HIS A 484 11.86 6.41 -35.45
C HIS A 484 11.61 6.22 -36.94
N SER A 485 12.56 6.67 -37.76
CA SER A 485 12.40 6.57 -39.21
C SER A 485 12.56 5.14 -39.68
N LYS A 486 13.47 4.39 -39.07
CA LYS A 486 13.65 2.99 -39.46
C LYS A 486 12.35 2.21 -39.32
N ASN A 487 11.55 2.53 -38.30
CA ASN A 487 10.24 1.92 -38.11
C ASN A 487 9.11 2.83 -38.53
N ARG A 488 9.40 4.06 -38.93
CA ARG A 488 8.37 5.00 -39.40
C ARG A 488 7.26 5.14 -38.36
N CYS A 489 7.65 5.31 -37.10
CA CYS A 489 6.70 5.39 -36.00
C CYS A 489 7.11 6.52 -35.06
N LEU A 490 6.27 6.75 -34.06
CA LEU A 490 6.53 7.76 -33.03
C LEU A 490 6.48 7.10 -31.67
N TYR A 491 7.56 7.24 -30.91
CA TYR A 491 7.65 6.73 -29.55
C TYR A 491 7.42 7.88 -28.58
N VAL A 492 6.46 7.71 -27.68
CA VAL A 492 6.10 8.74 -26.71
C VAL A 492 6.30 8.18 -25.31
N PHE A 493 7.04 8.92 -24.49
CA PHE A 493 7.27 8.49 -23.11
C PHE A 493 7.33 9.72 -22.21
N GLY A 494 7.05 9.50 -20.92
CA GLY A 494 7.08 10.58 -19.97
C GLY A 494 5.92 11.54 -20.16
N GLY A 495 6.07 12.71 -19.55
CA GLY A 495 5.08 13.77 -19.66
C GLY A 495 4.32 13.97 -18.37
N GLN A 496 3.63 15.11 -18.31
CA GLN A 496 2.81 15.49 -17.18
C GLN A 496 1.44 15.93 -17.69
N ARG A 497 0.41 15.67 -16.89
CA ARG A 497 -0.97 16.00 -17.26
C ARG A 497 -1.68 16.53 -16.02
N SER A 498 -1.93 17.84 -16.01
CA SER A 498 -2.66 18.48 -14.91
C SER A 498 -2.02 18.15 -13.56
N LYS A 499 -0.71 18.34 -13.48
CA LYS A 499 0.12 18.10 -12.31
C LYS A 499 0.33 16.62 -12.03
N THR A 500 -0.30 15.73 -12.80
CA THR A 500 -0.16 14.29 -12.61
C THR A 500 0.91 13.78 -13.58
N TYR A 501 2.05 13.35 -13.03
CA TYR A 501 3.12 12.85 -13.86
C TYR A 501 2.70 11.56 -14.56
N LEU A 502 3.05 11.45 -15.83
CA LEU A 502 2.74 10.28 -16.64
C LEU A 502 3.99 9.43 -16.82
N ASN A 503 3.90 8.16 -16.46
CA ASN A 503 5.00 7.21 -16.58
C ASN A 503 4.64 6.09 -17.56
N ASP A 504 3.94 6.46 -18.64
CA ASP A 504 3.50 5.51 -19.64
C ASP A 504 4.31 5.71 -20.92
N PHE A 505 4.81 4.61 -21.48
CA PHE A 505 5.58 4.63 -22.71
C PHE A 505 4.82 3.82 -23.76
N PHE A 506 4.65 4.41 -24.94
CA PHE A 506 3.90 3.75 -26.00
C PHE A 506 4.47 4.18 -27.36
N SER A 507 3.92 3.58 -28.42
CA SER A 507 4.33 3.89 -29.78
C SER A 507 3.10 3.98 -30.66
N TYR A 508 3.25 4.70 -31.77
CA TYR A 508 2.16 4.87 -32.73
C TYR A 508 2.76 4.86 -34.13
N ASP A 509 2.30 3.93 -34.97
CA ASP A 509 2.77 3.89 -36.35
C ASP A 509 2.14 5.03 -37.14
N VAL A 510 2.97 5.75 -37.90
CA VAL A 510 2.46 6.87 -38.69
C VAL A 510 1.73 6.40 -39.94
N ASP A 511 2.03 5.19 -40.43
CA ASP A 511 1.38 4.64 -41.61
C ASP A 511 0.25 3.68 -41.27
N SER A 512 0.53 2.68 -40.43
CA SER A 512 -0.51 1.73 -40.04
C SER A 512 -1.56 2.37 -39.15
N ASP A 513 -1.28 3.54 -38.57
CA ASP A 513 -2.23 4.23 -37.70
C ASP A 513 -2.67 3.33 -36.55
N HIS A 514 -1.72 2.58 -35.99
CA HIS A 514 -1.98 1.66 -34.90
C HIS A 514 -1.16 2.07 -33.68
N VAL A 515 -1.79 2.06 -32.52
CA VAL A 515 -1.16 2.44 -31.26
C VAL A 515 -0.84 1.19 -30.47
N ASP A 516 0.41 1.06 -30.02
CA ASP A 516 0.87 -0.07 -29.24
C ASP A 516 1.38 0.46 -27.91
N ILE A 517 0.72 0.07 -26.82
CA ILE A 517 1.12 0.49 -25.48
C ILE A 517 2.28 -0.40 -25.04
N ILE A 518 3.40 0.22 -24.67
CA ILE A 518 4.58 -0.52 -24.23
C ILE A 518 4.69 -0.59 -22.71
N SER A 519 4.03 0.31 -21.99
CA SER A 519 4.07 0.28 -20.53
C SER A 519 2.84 0.99 -20.01
N ASP A 520 2.51 0.72 -18.74
CA ASP A 520 1.36 1.33 -18.09
C ASP A 520 1.60 2.81 -17.87
N VAL A 529 14.44 3.00 -14.35
CA VAL A 529 13.03 3.33 -14.50
C VAL A 529 12.81 4.81 -14.13
N PRO A 530 13.12 5.72 -15.07
CA PRO A 530 13.00 7.15 -14.75
C PRO A 530 11.57 7.56 -14.47
N MET A 531 11.31 7.97 -13.22
CA MET A 531 9.99 8.42 -12.80
C MET A 531 10.09 9.85 -12.29
N THR A 532 8.97 10.57 -12.36
CA THR A 532 8.87 11.96 -11.93
C THR A 532 10.10 12.76 -12.34
N GLY A 533 10.61 12.50 -13.55
CA GLY A 533 11.78 13.20 -14.03
C GLY A 533 11.45 14.47 -14.78
N PHE A 534 11.56 15.60 -14.09
CA PHE A 534 11.28 16.88 -14.73
C PHE A 534 12.38 17.22 -15.74
N THR A 535 12.07 18.16 -16.62
CA THR A 535 13.01 18.68 -17.61
C THR A 535 13.80 17.54 -18.27
N GLN A 536 13.08 16.50 -18.65
CA GLN A 536 13.68 15.34 -19.30
C GLN A 536 13.69 15.55 -20.81
N ARG A 537 14.88 15.57 -21.40
CA ARG A 537 15.06 15.70 -22.84
C ARG A 537 15.62 14.40 -23.39
N ALA A 538 14.96 13.85 -24.41
CA ALA A 538 15.36 12.57 -24.98
C ALA A 538 15.45 12.69 -26.49
N THR A 539 16.23 11.80 -27.09
CA THR A 539 16.38 11.76 -28.53
C THR A 539 16.70 10.34 -28.98
N ILE A 540 16.35 10.06 -30.23
CA ILE A 540 16.41 8.71 -30.78
C ILE A 540 17.66 8.56 -31.63
N ASP A 541 18.18 7.33 -31.66
CA ASP A 541 19.32 6.97 -32.51
C ASP A 541 18.91 5.72 -33.28
N PRO A 542 18.34 5.88 -34.47
CA PRO A 542 17.98 4.70 -35.27
C PRO A 542 19.19 3.85 -35.64
N GLU A 543 20.36 4.47 -35.84
CA GLU A 543 21.55 3.68 -36.16
C GLU A 543 21.86 2.70 -35.03
N LEU A 544 21.79 3.18 -33.79
CA LEU A 544 21.93 2.32 -32.62
C LEU A 544 20.58 1.84 -32.09
N ASN A 545 19.48 2.33 -32.65
CA ASN A 545 18.14 1.93 -32.24
C ASN A 545 17.98 2.11 -30.73
N GLU A 546 18.43 3.25 -30.22
CA GLU A 546 18.42 3.51 -28.80
C GLU A 546 17.87 4.90 -28.52
N ILE A 547 17.01 5.02 -27.52
CA ILE A 547 16.48 6.31 -27.10
C ILE A 547 17.24 6.76 -25.86
N HIS A 548 17.98 7.85 -25.98
CA HIS A 548 18.81 8.37 -24.89
C HIS A 548 18.11 9.56 -24.25
N VAL A 549 17.97 9.53 -22.92
CA VAL A 549 17.24 10.55 -22.18
C VAL A 549 18.13 11.10 -21.07
N LEU A 550 18.04 12.41 -20.86
CA LEU A 550 18.74 13.10 -19.78
C LEU A 550 17.73 13.93 -19.01
N SER A 551 17.70 13.74 -17.69
CA SER A 551 16.74 14.40 -16.83
C SER A 551 17.45 15.48 -16.00
N GLY A 552 16.66 16.20 -15.21
CA GLY A 552 17.20 17.25 -14.37
C GLY A 552 16.27 17.52 -13.20
N LEU A 553 16.70 18.46 -12.36
CA LEU A 553 15.92 18.81 -11.17
C LEU A 553 14.63 19.52 -11.56
N SER A 554 13.62 19.38 -10.71
CA SER A 554 12.34 20.03 -10.94
C SER A 554 12.43 21.53 -10.71
N ASN A 566 24.05 14.74 -13.67
CA ASN A 566 22.71 14.70 -14.23
C ASN A 566 22.31 13.26 -14.54
N SER A 567 21.12 12.86 -14.07
CA SER A 567 20.65 11.51 -14.31
C SER A 567 20.46 11.27 -15.80
N PHE A 568 20.98 10.14 -16.27
CA PHE A 568 20.94 9.79 -17.69
C PHE A 568 20.51 8.34 -17.83
N TRP A 569 19.78 8.05 -18.91
CA TRP A 569 19.25 6.71 -19.14
C TRP A 569 19.23 6.42 -20.63
N ILE A 570 19.21 5.14 -20.96
CA ILE A 570 19.11 4.68 -22.34
C ILE A 570 18.01 3.63 -22.41
N TYR A 571 17.38 3.54 -23.58
CA TYR A 571 16.34 2.55 -23.82
C TYR A 571 16.65 1.80 -25.11
N ASP A 572 16.76 0.48 -25.02
CA ASP A 572 16.96 -0.39 -26.17
C ASP A 572 15.58 -0.86 -26.64
N ILE A 573 15.20 -0.45 -27.86
CA ILE A 573 13.90 -0.80 -28.39
C ILE A 573 13.85 -2.27 -28.77
N VAL A 574 14.95 -2.81 -29.33
CA VAL A 574 14.94 -4.17 -29.83
C VAL A 574 14.64 -5.16 -28.70
N ARG A 575 15.32 -4.99 -27.57
CA ARG A 575 15.09 -5.82 -26.40
C ARG A 575 14.15 -5.15 -25.40
N ASN A 576 13.72 -3.93 -25.67
CA ASN A 576 12.78 -3.20 -24.79
C ASN A 576 13.30 -3.19 -23.36
N SER A 577 14.46 -2.56 -23.17
CA SER A 577 15.13 -2.55 -21.88
C SER A 577 15.58 -1.14 -21.53
N TRP A 578 15.41 -0.76 -20.27
CA TRP A 578 15.87 0.51 -19.74
C TRP A 578 17.17 0.29 -18.97
N SER A 579 18.24 0.93 -19.42
CA SER A 579 19.57 0.80 -18.83
C SER A 579 20.01 2.14 -18.25
N CYS A 580 20.72 2.08 -17.13
CA CYS A 580 21.21 3.27 -16.44
C CYS A 580 22.67 3.47 -16.80
N VAL A 581 22.99 4.65 -17.33
CA VAL A 581 24.36 5.02 -17.67
C VAL A 581 24.61 6.42 -17.11
N TYR A 582 25.76 6.60 -16.48
CA TYR A 582 26.15 7.89 -15.91
C TYR A 582 25.11 8.37 -14.89
N LYS A 583 24.98 7.58 -13.82
CA LYS A 583 24.06 7.93 -12.74
C LYS A 583 24.68 8.99 -11.84
N CYS A 602 25.60 19.14 -15.57
CA CYS A 602 25.44 20.08 -14.47
C CYS A 602 23.97 20.18 -14.08
N PRO A 603 23.69 20.51 -12.82
CA PRO A 603 22.29 20.62 -12.38
C PRO A 603 21.62 21.82 -13.01
N ARG A 604 20.47 21.59 -13.63
CA ARG A 604 19.72 22.65 -14.30
C ARG A 604 18.37 22.08 -14.70
N PHE A 605 17.54 22.92 -15.33
CA PHE A 605 16.25 22.50 -15.84
C PHE A 605 15.86 23.42 -16.98
N ALA A 606 14.88 22.97 -17.77
CA ALA A 606 14.45 23.69 -18.96
C ALA A 606 15.61 23.89 -19.92
N HIS A 607 16.46 22.89 -20.03
CA HIS A 607 17.64 22.94 -20.89
C HIS A 607 17.31 22.36 -22.26
N GLN A 608 18.18 22.65 -23.23
CA GLN A 608 18.03 22.16 -24.59
C GLN A 608 19.13 21.14 -24.88
N LEU A 609 18.75 20.04 -25.53
CA LEU A 609 19.68 18.97 -25.86
C LEU A 609 19.45 18.54 -27.30
N VAL A 610 20.54 18.27 -28.01
CA VAL A 610 20.48 17.78 -29.38
C VAL A 610 21.40 16.56 -29.49
N TYR A 611 20.91 15.53 -30.16
CA TYR A 611 21.60 14.26 -30.30
C TYR A 611 22.05 14.07 -31.75
N ASP A 612 23.22 13.49 -31.93
CA ASP A 612 23.77 13.20 -33.24
C ASP A 612 23.96 11.70 -33.39
N GLU A 613 23.55 11.17 -34.54
CA GLU A 613 23.70 9.75 -34.85
C GLU A 613 24.85 9.47 -35.80
N LEU A 614 25.30 10.47 -36.57
CA LEU A 614 26.41 10.28 -37.48
C LEU A 614 27.74 10.43 -36.75
N HIS A 615 27.99 11.60 -36.17
CA HIS A 615 29.21 11.85 -35.42
C HIS A 615 29.11 11.47 -33.95
N LYS A 616 27.91 11.12 -33.48
CA LYS A 616 27.70 10.72 -32.08
C LYS A 616 28.14 11.82 -31.11
N VAL A 617 28.00 13.07 -31.51
CA VAL A 617 28.30 14.22 -30.66
C VAL A 617 26.98 14.88 -30.28
N HIS A 618 26.71 14.95 -28.99
CA HIS A 618 25.45 15.47 -28.46
C HIS A 618 25.74 16.74 -27.68
N TYR A 619 24.96 17.79 -27.93
CA TYR A 619 25.23 19.12 -27.40
C TYR A 619 24.11 19.53 -26.46
N LEU A 620 24.49 20.02 -25.28
CA LEU A 620 23.56 20.52 -24.28
C LEU A 620 23.83 22.00 -24.07
N PHE A 621 22.77 22.81 -24.18
CA PHE A 621 22.89 24.25 -24.03
C PHE A 621 21.69 24.79 -23.26
N GLY A 622 21.92 25.87 -22.52
CA GLY A 622 20.85 26.53 -21.81
C GLY A 622 20.39 25.75 -20.59
N GLY A 623 19.31 26.26 -20.00
CA GLY A 623 18.71 25.62 -18.84
C GLY A 623 19.13 26.27 -17.54
N ASN A 624 18.24 27.07 -16.96
CA ASN A 624 18.53 27.74 -15.71
C ASN A 624 18.45 26.76 -14.54
N PRO A 625 19.15 27.05 -13.43
CA PRO A 625 19.11 26.17 -12.26
C PRO A 625 17.88 26.40 -11.39
N CYS A 629 19.07 30.37 -4.43
CA CYS A 629 18.76 30.47 -5.85
C CYS A 629 17.98 31.74 -6.14
N SER A 630 18.13 32.28 -7.35
CA SER A 630 17.45 33.48 -7.77
C SER A 630 16.77 33.26 -9.11
N PRO A 631 15.65 33.92 -9.38
CA PRO A 631 14.98 33.73 -10.68
C PRO A 631 15.85 34.06 -11.87
N LYS A 632 16.71 35.07 -11.75
CA LYS A 632 17.54 35.49 -12.88
C LYS A 632 18.73 34.58 -13.13
N MET A 633 19.04 33.68 -12.19
CA MET A 633 20.15 32.76 -12.40
C MET A 633 19.86 31.88 -13.62
N ARG A 634 20.88 31.73 -14.48
CA ARG A 634 20.74 30.93 -15.68
C ARG A 634 22.10 30.34 -16.04
N LEU A 635 22.05 29.25 -16.82
CA LEU A 635 23.26 28.55 -17.26
C LEU A 635 23.19 28.40 -18.77
N ASP A 636 24.17 28.99 -19.47
CA ASP A 636 24.24 28.93 -20.93
C ASP A 636 25.54 28.30 -21.41
N ASP A 637 26.23 27.56 -20.54
CA ASP A 637 27.46 26.89 -20.94
C ASP A 637 27.17 25.86 -22.03
N PHE A 638 28.06 25.80 -23.01
CA PHE A 638 27.91 24.91 -24.16
C PHE A 638 28.80 23.69 -23.97
N TRP A 639 28.21 22.50 -24.04
CA TRP A 639 28.89 21.24 -23.83
C TRP A 639 28.93 20.43 -25.11
N SER A 640 29.65 19.31 -25.05
CA SER A 640 29.82 18.39 -26.16
C SER A 640 29.63 16.95 -25.68
N LEU A 641 28.55 16.72 -24.93
CA LEU A 641 28.27 15.41 -24.36
C LEU A 641 28.48 14.29 -25.36
N LYS A 642 29.06 13.19 -24.89
CA LYS A 642 29.30 12.02 -25.71
C LYS A 642 29.20 10.78 -24.83
N LEU A 643 28.95 9.65 -25.47
CA LEU A 643 28.82 8.37 -24.78
C LEU A 643 30.13 7.60 -24.86
N CYS A 644 30.61 7.11 -23.71
CA CYS A 644 31.86 6.37 -23.63
C CYS A 644 31.54 4.89 -23.72
N ARG A 645 31.60 4.35 -24.94
CA ARG A 645 31.37 2.93 -25.17
C ARG A 645 32.01 2.56 -26.49
N PRO A 646 32.26 1.28 -26.72
CA PRO A 646 32.88 0.86 -27.99
C PRO A 646 32.01 1.23 -29.18
N SER A 647 32.58 1.06 -30.37
CA SER A 647 31.91 1.35 -31.62
C SER A 647 32.16 0.20 -32.60
N LYS A 648 31.34 0.17 -33.66
CA LYS A 648 31.48 -0.88 -34.65
C LYS A 648 32.88 -0.86 -35.27
N ASP A 649 33.37 0.33 -35.62
CA ASP A 649 34.72 0.44 -36.15
C ASP A 649 35.75 0.03 -35.09
N TYR A 650 35.55 0.47 -33.84
CA TYR A 650 36.47 0.09 -32.78
C TYR A 650 36.45 -1.41 -32.55
N LEU A 651 35.26 -2.02 -32.54
CA LEU A 651 35.17 -3.47 -32.36
C LEU A 651 35.86 -4.20 -33.51
N LEU A 652 35.67 -3.74 -34.75
CA LEU A 652 36.33 -4.37 -35.88
C LEU A 652 37.84 -4.24 -35.77
N ARG A 653 38.33 -3.08 -35.36
CA ARG A 653 39.76 -2.90 -35.18
C ARG A 653 40.31 -3.82 -34.10
N HIS A 654 39.58 -3.96 -32.99
CA HIS A 654 40.02 -4.86 -31.93
C HIS A 654 40.06 -6.30 -32.41
N CYS A 655 39.04 -6.72 -33.16
CA CYS A 655 39.02 -8.07 -33.69
C CYS A 655 40.18 -8.30 -34.65
N LYS A 656 40.46 -7.32 -35.50
CA LYS A 656 41.59 -7.45 -36.43
C LYS A 656 42.90 -7.54 -35.67
N TYR A 657 43.07 -6.74 -34.61
CA TYR A 657 44.28 -6.81 -33.81
C TYR A 657 44.43 -8.17 -33.15
N LEU A 658 43.33 -8.71 -32.62
CA LEU A 658 43.38 -10.03 -32.01
C LEU A 658 43.74 -11.09 -33.04
N ILE A 659 43.18 -11.00 -34.25
CA ILE A 659 43.50 -11.96 -35.30
C ILE A 659 44.96 -11.86 -35.67
N ARG A 660 45.49 -10.64 -35.79
CA ARG A 660 46.90 -10.47 -36.11
C ARG A 660 47.79 -11.05 -35.02
N LYS A 661 47.42 -10.82 -33.76
CA LYS A 661 48.20 -11.38 -32.66
C LYS A 661 48.19 -12.90 -32.69
N HIS A 662 47.03 -13.49 -32.95
CA HIS A 662 46.94 -14.95 -33.05
C HIS A 662 47.79 -15.47 -34.20
N ARG A 663 47.75 -14.80 -35.36
CA ARG A 663 48.56 -15.22 -36.49
C ARG A 663 50.04 -15.14 -36.17
N PHE A 664 50.47 -14.05 -35.51
CA PHE A 664 51.86 -13.92 -35.13
C PHE A 664 52.26 -15.03 -34.15
N GLU A 665 51.39 -15.34 -33.19
CA GLU A 665 51.67 -16.43 -32.27
C GLU A 665 51.80 -17.75 -33.01
N GLU A 666 51.00 -17.94 -34.05
CA GLU A 666 51.09 -19.17 -34.84
C GLU A 666 52.47 -19.32 -35.47
N LYS A 667 53.01 -18.23 -36.02
CA LYS A 667 54.33 -18.25 -36.63
C LYS A 667 54.36 -19.24 -37.80
N THR A 723 49.35 -29.21 -30.74
CA THR A 723 48.01 -28.80 -30.34
C THR A 723 47.61 -27.49 -31.01
N TYR A 724 46.49 -27.51 -31.74
CA TYR A 724 45.98 -26.34 -32.45
C TYR A 724 44.74 -25.77 -31.77
N ALA A 725 44.54 -26.10 -30.49
CA ALA A 725 43.38 -25.61 -29.76
C ALA A 725 43.38 -24.10 -29.58
N GLN A 726 44.52 -23.43 -29.77
CA GLN A 726 44.56 -21.98 -29.65
C GLN A 726 43.66 -21.31 -30.67
N ARG A 727 43.66 -21.82 -31.91
CA ARG A 727 42.78 -21.25 -32.93
C ARG A 727 41.31 -21.44 -32.55
N THR A 728 40.97 -22.62 -32.01
CA THR A 728 39.60 -22.84 -31.58
C THR A 728 39.21 -21.90 -30.45
N GLN A 729 40.12 -21.68 -29.50
CA GLN A 729 39.83 -20.76 -28.41
C GLN A 729 39.63 -19.34 -28.91
N LEU A 730 40.48 -18.91 -29.85
CA LEU A 730 40.33 -17.58 -30.43
C LEU A 730 39.00 -17.45 -31.16
N PHE A 731 38.62 -18.48 -31.93
CA PHE A 731 37.35 -18.44 -32.63
C PHE A 731 36.19 -18.37 -31.65
N ASP A 732 36.25 -19.15 -30.56
CA ASP A 732 35.19 -19.10 -29.56
C ASP A 732 35.10 -17.72 -28.93
N THR A 733 36.25 -17.12 -28.61
CA THR A 733 36.24 -15.79 -28.03
C THR A 733 35.64 -14.78 -29.00
N LEU A 734 35.99 -14.87 -30.28
CA LEU A 734 35.42 -13.95 -31.27
C LEU A 734 33.93 -14.18 -31.44
N VAL A 735 33.46 -15.42 -31.27
CA VAL A 735 32.05 -15.71 -31.44
C VAL A 735 31.19 -14.89 -30.49
N ASN A 736 31.74 -14.53 -29.33
CA ASN A 736 30.99 -13.72 -28.37
C ASN A 736 30.54 -12.39 -28.97
N PHE A 737 31.23 -11.90 -30.00
CA PHE A 737 30.83 -10.65 -30.64
C PHE A 737 29.51 -10.81 -31.38
N PHE A 738 29.25 -11.98 -31.94
CA PHE A 738 28.02 -12.21 -32.68
C PHE A 738 26.82 -12.21 -31.73
N PRO A 739 25.63 -11.95 -32.26
CA PRO A 739 24.43 -11.91 -31.41
C PRO A 739 24.09 -13.31 -30.88
N ASP A 740 23.27 -13.33 -29.83
CA ASP A 740 22.91 -14.58 -29.18
C ASP A 740 22.19 -15.52 -30.15
N SER A 741 21.27 -14.98 -30.95
CA SER A 741 20.52 -15.82 -31.87
C SER A 741 21.44 -16.50 -32.87
N MET A 742 22.38 -15.75 -33.45
CA MET A 742 23.31 -16.36 -34.40
C MET A 742 24.39 -17.17 -33.68
N THR A 743 24.74 -16.79 -32.45
CA THR A 743 25.82 -17.45 -31.74
C THR A 743 25.40 -18.86 -31.32
N PRO A 744 26.37 -19.74 -31.09
CA PRO A 744 26.06 -21.10 -30.64
C PRO A 744 25.63 -21.10 -29.18
N PRO A 745 25.17 -22.23 -28.66
CA PRO A 745 24.77 -22.28 -27.26
C PRO A 745 25.91 -21.91 -26.33
N LYS A 746 25.58 -21.17 -25.27
CA LYS A 746 26.58 -20.74 -24.32
C LYS A 746 26.94 -21.88 -23.36
N GLY A 747 28.12 -21.76 -22.76
CA GLY A 747 28.59 -22.76 -21.83
C GLY A 747 29.19 -23.97 -22.51
N ASN A 748 29.54 -24.95 -21.68
CA ASN A 748 30.14 -26.19 -22.14
C ASN A 748 29.52 -27.36 -21.39
N LEU A 749 29.59 -28.55 -22.00
CA LEU A 749 29.04 -29.73 -21.37
C LEU A 749 29.76 -30.04 -20.06
N VAL A 750 31.08 -29.86 -20.02
CA VAL A 750 31.83 -30.13 -18.81
C VAL A 750 31.33 -29.26 -17.66
N ASP A 751 30.86 -28.05 -17.98
CA ASP A 751 30.34 -27.16 -16.94
C ASP A 751 29.12 -27.75 -16.24
N LEU A 752 28.41 -28.68 -16.90
CA LEU A 752 27.23 -29.30 -16.32
C LEU A 752 27.50 -30.70 -15.77
N ILE A 753 28.45 -31.42 -16.35
CA ILE A 753 28.77 -32.77 -15.90
C ILE A 753 29.45 -32.72 -14.54
N CYS B 33 -31.97 -12.09 -1.52
CA CYS B 33 -30.86 -11.40 -2.24
C CYS B 33 -31.08 -11.45 -3.74
N ARG B 34 -32.33 -11.25 -4.16
CA ARG B 34 -32.66 -11.27 -5.57
C ARG B 34 -32.09 -10.04 -6.27
N LEU B 35 -31.88 -10.17 -7.58
CA LEU B 35 -31.38 -9.06 -8.37
C LEU B 35 -32.39 -7.92 -8.38
N LEU B 36 -31.88 -6.69 -8.29
CA LEU B 36 -32.73 -5.50 -8.31
C LEU B 36 -32.57 -4.76 -9.62
N PRO B 37 -33.57 -4.76 -10.50
CA PRO B 37 -33.43 -4.00 -11.75
C PRO B 37 -33.35 -2.50 -11.48
N TYR B 38 -32.65 -1.81 -12.37
CA TYR B 38 -32.44 -0.37 -12.21
C TYR B 38 -32.35 0.27 -13.58
N ALA B 39 -32.52 1.60 -13.59
CA ALA B 39 -32.40 2.40 -14.80
C ALA B 39 -31.52 3.60 -14.52
N LEU B 40 -30.77 4.02 -15.53
CA LEU B 40 -29.86 5.16 -15.38
C LEU B 40 -30.67 6.43 -15.21
N HIS B 41 -30.68 6.97 -13.99
CA HIS B 41 -31.46 8.16 -13.72
C HIS B 41 -30.75 9.42 -14.20
N LYS B 42 -29.48 9.59 -13.83
CA LYS B 42 -28.75 10.80 -14.19
C LYS B 42 -27.26 10.47 -14.28
N TRP B 43 -26.56 11.23 -15.10
CA TRP B 43 -25.13 11.08 -15.27
C TRP B 43 -24.47 12.45 -15.23
N SER B 44 -23.41 12.56 -14.43
CA SER B 44 -22.67 13.82 -14.36
C SER B 44 -22.08 14.18 -15.72
N SER B 45 -21.51 13.20 -16.42
CA SER B 45 -20.97 13.41 -17.75
C SER B 45 -20.62 12.05 -18.34
N PHE B 46 -20.48 12.02 -19.66
CA PHE B 46 -20.13 10.79 -20.36
C PHE B 46 -19.38 11.15 -21.63
N SER B 47 -18.65 10.17 -22.16
CA SER B 47 -17.84 10.34 -23.36
C SER B 47 -18.50 9.65 -24.54
N SER B 48 -17.90 9.82 -25.71
CA SER B 48 -18.45 9.24 -26.93
C SER B 48 -18.45 7.72 -26.85
N THR B 49 -19.55 7.11 -27.27
CA THR B 49 -19.70 5.65 -27.34
C THR B 49 -19.51 4.99 -25.98
N TYR B 50 -19.63 5.74 -24.89
CA TYR B 50 -19.50 5.22 -23.54
C TYR B 50 -20.66 5.70 -22.69
N LEU B 51 -21.87 5.55 -23.23
CA LEU B 51 -23.05 6.03 -22.54
C LEU B 51 -23.24 5.28 -21.22
N PRO B 52 -23.82 5.94 -20.20
CA PRO B 52 -23.98 5.25 -18.91
C PRO B 52 -24.80 3.97 -19.00
N GLU B 53 -25.80 3.92 -19.89
CA GLU B 53 -26.65 2.75 -19.99
C GLU B 53 -25.85 1.48 -20.23
N ASN B 54 -24.62 1.61 -20.73
CA ASN B 54 -23.80 0.43 -21.01
C ASN B 54 -23.52 -0.38 -19.74
N ILE B 55 -23.67 0.23 -18.56
CA ILE B 55 -23.47 -0.53 -17.31
C ILE B 55 -24.55 -1.57 -17.09
N LEU B 56 -25.63 -1.54 -17.88
CA LEU B 56 -26.71 -2.51 -17.73
C LEU B 56 -26.40 -3.84 -18.40
N VAL B 57 -25.29 -3.95 -19.13
CA VAL B 57 -24.93 -5.16 -19.87
C VAL B 57 -23.60 -5.65 -19.35
N ASP B 58 -23.53 -6.94 -19.02
CA ASP B 58 -22.31 -7.58 -18.53
C ASP B 58 -21.59 -8.24 -19.70
N LYS B 59 -20.93 -7.41 -20.51
CA LYS B 59 -20.18 -7.90 -21.66
C LYS B 59 -18.69 -7.66 -21.45
N PRO B 60 -18.01 -8.51 -20.68
CA PRO B 60 -16.58 -8.31 -20.45
C PRO B 60 -15.74 -8.38 -21.70
N ASN B 61 -16.24 -9.01 -22.77
CA ASN B 61 -15.51 -9.17 -24.01
C ASN B 61 -15.70 -7.99 -24.95
N ASP B 62 -16.09 -6.83 -24.44
CA ASP B 62 -16.30 -5.63 -25.25
C ASP B 62 -15.87 -4.41 -24.45
N GLN B 63 -14.90 -3.67 -24.97
CA GLN B 63 -14.41 -2.49 -24.27
C GLN B 63 -15.36 -1.31 -24.39
N SER B 64 -16.29 -1.34 -25.33
CA SER B 64 -17.23 -0.25 -25.55
C SER B 64 -18.51 -0.41 -24.73
N SER B 65 -18.59 -1.41 -23.87
CA SER B 65 -19.78 -1.69 -23.06
C SER B 65 -19.64 -1.13 -21.65
N ARG B 66 -18.98 0.02 -21.49
CA ARG B 66 -18.73 0.61 -20.19
C ARG B 66 -19.03 2.10 -20.22
N TRP B 67 -19.38 2.64 -19.05
CA TRP B 67 -19.50 4.07 -18.89
C TRP B 67 -18.12 4.70 -18.78
N SER B 68 -18.00 5.94 -19.23
CA SER B 68 -16.73 6.66 -19.20
C SER B 68 -17.00 8.13 -18.91
N SER B 69 -16.47 8.62 -17.79
CA SER B 69 -16.65 10.02 -17.43
C SER B 69 -15.95 10.92 -18.42
N GLU B 70 -16.47 12.14 -18.56
CA GLU B 70 -15.88 13.11 -19.48
C GLU B 70 -14.46 13.46 -19.06
N SER B 71 -14.22 13.64 -17.77
CA SER B 71 -12.90 13.99 -17.28
C SER B 71 -12.76 13.46 -15.85
N ASN B 72 -11.50 13.33 -15.43
CA ASN B 72 -11.19 12.82 -14.09
C ASN B 72 -11.15 14.00 -13.14
N TYR B 73 -12.27 14.25 -12.47
CA TYR B 73 -12.40 15.36 -11.54
C TYR B 73 -13.42 14.98 -10.48
N PRO B 74 -13.46 15.69 -9.36
CA PRO B 74 -14.33 15.29 -8.24
C PRO B 74 -15.78 15.13 -8.67
N PRO B 75 -16.32 16.05 -9.50
CA PRO B 75 -17.74 15.92 -9.88
C PRO B 75 -17.98 15.00 -11.08
N GLN B 76 -17.97 13.70 -10.81
CA GLN B 76 -18.23 12.67 -11.82
C GLN B 76 -19.19 11.62 -11.28
N TYR B 77 -20.26 12.07 -10.64
CA TYR B 77 -21.23 11.17 -10.04
C TYR B 77 -22.08 10.50 -11.12
N LEU B 78 -22.75 9.41 -10.71
CA LEU B 78 -23.68 8.69 -11.58
C LEU B 78 -24.82 8.18 -10.71
N ILE B 79 -26.04 8.64 -10.98
CA ILE B 79 -27.21 8.34 -10.17
C ILE B 79 -28.04 7.29 -10.89
N LEU B 80 -28.18 6.11 -10.26
CA LEU B 80 -29.01 5.03 -10.76
C LEU B 80 -30.30 4.98 -9.96
N LYS B 81 -31.41 4.74 -10.65
CA LYS B 81 -32.72 4.65 -10.04
C LYS B 81 -33.25 3.22 -10.14
N LEU B 82 -33.81 2.73 -9.05
CA LEU B 82 -34.41 1.41 -9.01
C LEU B 82 -35.87 1.48 -9.43
N GLU B 83 -36.40 0.34 -9.89
CA GLU B 83 -37.79 0.28 -10.28
C GLU B 83 -38.70 0.56 -9.09
N ARG B 84 -38.39 -0.01 -7.94
CA ARG B 84 -39.12 0.21 -6.70
C ARG B 84 -38.12 0.35 -5.57
N PRO B 85 -38.50 1.02 -4.49
CA PRO B 85 -37.59 1.13 -3.35
C PRO B 85 -37.25 -0.25 -2.79
N ALA B 86 -35.99 -0.42 -2.40
CA ALA B 86 -35.52 -1.72 -1.93
C ALA B 86 -34.33 -1.51 -1.02
N ILE B 87 -34.05 -2.53 -0.21
CA ILE B 87 -32.88 -2.56 0.67
C ILE B 87 -31.78 -3.21 -0.16
N VAL B 88 -30.85 -2.39 -0.65
CA VAL B 88 -29.73 -2.88 -1.45
C VAL B 88 -28.65 -3.36 -0.49
N GLN B 89 -28.31 -4.65 -0.57
CA GLN B 89 -27.34 -5.24 0.36
C GLN B 89 -25.95 -5.34 -0.25
N ASN B 90 -25.85 -5.77 -1.51
CA ASN B 90 -24.57 -5.96 -2.17
C ASN B 90 -24.63 -5.37 -3.57
N ILE B 91 -23.49 -4.85 -4.01
CA ILE B 91 -23.33 -4.29 -5.36
C ILE B 91 -22.19 -5.03 -6.04
N THR B 92 -22.45 -5.54 -7.24
CA THR B 92 -21.49 -6.32 -7.99
C THR B 92 -20.95 -5.49 -9.15
N PHE B 93 -19.63 -5.44 -9.27
CA PHE B 93 -18.95 -4.69 -10.33
C PHE B 93 -18.28 -5.67 -11.28
N GLY B 94 -18.30 -5.34 -12.57
CA GLY B 94 -17.65 -6.13 -13.60
C GLY B 94 -16.48 -5.39 -14.20
N LYS B 95 -15.51 -6.14 -14.70
CA LYS B 95 -14.31 -5.58 -15.31
C LYS B 95 -14.11 -6.18 -16.69
N TYR B 96 -13.25 -5.52 -17.47
CA TYR B 96 -12.90 -6.01 -18.80
C TYR B 96 -12.22 -7.37 -18.68
N GLU B 97 -12.07 -8.04 -19.83
CA GLU B 97 -11.39 -9.33 -19.86
C GLU B 97 -9.97 -9.21 -19.31
N LYS B 98 -9.33 -8.05 -19.49
CA LYS B 98 -7.98 -7.81 -19.02
C LYS B 98 -7.95 -6.58 -18.13
N THR B 99 -6.78 -6.34 -17.53
CA THR B 99 -6.63 -5.16 -16.68
C THR B 99 -6.81 -3.89 -17.49
N HIS B 100 -7.50 -2.92 -16.91
CA HIS B 100 -7.77 -1.65 -17.57
C HIS B 100 -7.44 -0.51 -16.62
N VAL B 101 -6.78 0.52 -17.16
CA VAL B 101 -6.29 1.61 -16.30
C VAL B 101 -7.46 2.37 -15.69
N CYS B 102 -8.55 2.53 -16.43
CA CYS B 102 -9.68 3.31 -15.95
C CYS B 102 -10.45 2.63 -14.82
N ASN B 103 -10.03 1.45 -14.39
CA ASN B 103 -10.71 0.78 -13.27
C ASN B 103 -10.66 1.66 -12.03
N LEU B 104 -11.75 1.67 -11.28
CA LEU B 104 -11.91 2.55 -10.14
C LEU B 104 -11.02 2.08 -9.00
N LYS B 105 -9.84 2.69 -8.88
CA LYS B 105 -8.97 2.38 -7.74
C LYS B 105 -9.63 2.76 -6.42
N LYS B 106 -10.30 3.91 -6.39
CA LYS B 106 -11.04 4.35 -5.23
C LYS B 106 -12.36 4.96 -5.67
N PHE B 107 -13.43 4.65 -4.94
CA PHE B 107 -14.76 5.13 -5.29
C PHE B 107 -15.62 5.12 -4.04
N LYS B 108 -16.77 5.78 -4.13
CA LYS B 108 -17.73 5.83 -3.03
C LYS B 108 -19.13 5.59 -3.57
N VAL B 109 -19.99 5.06 -2.70
CA VAL B 109 -21.38 4.79 -3.05
C VAL B 109 -22.26 5.44 -2.00
N PHE B 110 -23.34 6.07 -2.45
CA PHE B 110 -24.31 6.70 -1.58
C PHE B 110 -25.70 6.19 -1.93
N GLY B 111 -26.56 6.11 -0.92
CA GLY B 111 -27.93 5.70 -1.12
C GLY B 111 -28.89 6.69 -0.53
N GLY B 112 -30.06 6.81 -1.16
CA GLY B 112 -31.08 7.71 -0.66
C GLY B 112 -32.44 7.52 -1.27
N MET B 113 -33.48 7.55 -0.43
CA MET B 113 -34.84 7.49 -0.96
C MET B 113 -35.12 8.64 -1.92
N ASN B 114 -34.47 9.79 -1.69
CA ASN B 114 -34.57 10.94 -2.57
C ASN B 114 -33.21 11.24 -3.17
N GLU B 115 -33.22 11.98 -4.28
CA GLU B 115 -31.97 12.30 -4.97
C GLU B 115 -31.07 13.20 -4.14
N GLU B 116 -31.60 13.86 -3.12
CA GLU B 116 -30.83 14.79 -2.30
C GLU B 116 -30.34 14.17 -0.99
N ASN B 117 -31.19 13.42 -0.30
CA ASN B 117 -30.83 12.83 0.98
C ASN B 117 -29.96 11.59 0.73
N MET B 118 -28.69 11.84 0.44
CA MET B 118 -27.74 10.79 0.11
C MET B 118 -26.86 10.51 1.33
N THR B 119 -26.73 9.23 1.68
CA THR B 119 -25.91 8.79 2.80
C THR B 119 -24.90 7.77 2.30
N GLU B 120 -23.65 7.93 2.71
CA GLU B 120 -22.59 7.02 2.26
C GLU B 120 -22.84 5.60 2.77
N LEU B 121 -22.49 4.63 1.94
CA LEU B 121 -22.64 3.22 2.28
C LEU B 121 -21.34 2.44 2.12
N LEU B 122 -20.51 2.78 1.13
CA LEU B 122 -19.28 2.06 0.88
C LEU B 122 -18.25 3.02 0.30
N SER B 123 -16.99 2.84 0.69
CA SER B 123 -15.89 3.67 0.20
C SER B 123 -14.68 2.81 -0.10
N SER B 124 -14.90 1.64 -0.68
CA SER B 124 -13.84 0.70 -0.98
C SER B 124 -13.25 1.01 -2.36
N GLY B 125 -12.39 0.12 -2.86
CA GLY B 125 -11.77 0.31 -4.16
C GLY B 125 -11.75 -0.97 -4.98
N LEU B 126 -12.06 -0.85 -6.27
CA LEU B 126 -12.08 -2.00 -7.14
C LEU B 126 -10.67 -2.48 -7.45
N LYS B 127 -10.55 -3.77 -7.75
CA LYS B 127 -9.27 -4.34 -8.17
C LYS B 127 -8.94 -3.89 -9.59
N ASN B 128 -7.68 -4.06 -9.95
CA ASN B 128 -7.22 -3.79 -11.30
C ASN B 128 -7.32 -5.03 -12.20
N ASP B 129 -7.78 -6.16 -11.67
CA ASP B 129 -7.89 -7.39 -12.43
C ASP B 129 -9.28 -7.48 -13.06
N TYR B 130 -9.60 -8.64 -13.62
CA TYR B 130 -10.87 -8.87 -14.28
C TYR B 130 -11.84 -9.67 -13.43
N ASN B 131 -11.55 -9.87 -12.15
CA ASN B 131 -12.43 -10.64 -11.28
C ASN B 131 -13.68 -9.83 -10.95
N LYS B 132 -14.84 -10.44 -11.13
CA LYS B 132 -16.11 -9.77 -10.85
C LYS B 132 -16.24 -9.61 -9.34
N GLU B 133 -15.92 -8.41 -8.84
CA GLU B 133 -15.93 -8.15 -7.42
C GLU B 133 -17.32 -7.69 -6.96
N THR B 134 -17.76 -8.23 -5.83
CA THR B 134 -19.01 -7.83 -5.21
C THR B 134 -18.73 -7.31 -3.81
N PHE B 135 -19.21 -6.10 -3.53
CA PHE B 135 -19.01 -5.45 -2.24
C PHE B 135 -20.33 -5.39 -1.48
N THR B 136 -20.23 -5.31 -0.16
CA THR B 136 -21.39 -5.19 0.71
C THR B 136 -21.57 -3.73 1.08
N LEU B 137 -22.74 -3.18 0.78
CA LEU B 137 -23.05 -1.79 1.09
C LEU B 137 -23.75 -1.69 2.44
N LYS B 138 -23.37 -0.69 3.21
CA LYS B 138 -24.00 -0.45 4.51
C LYS B 138 -25.50 -0.32 4.33
N HIS B 139 -26.26 -1.28 4.86
CA HIS B 139 -27.72 -1.27 4.76
C HIS B 139 -28.38 -1.45 6.11
N LYS B 140 -27.69 -1.11 7.20
CA LYS B 140 -28.25 -1.24 8.53
C LYS B 140 -27.66 -0.16 9.41
N ILE B 141 -28.53 0.62 10.06
CA ILE B 141 -28.14 1.68 10.98
C ILE B 141 -28.74 1.37 12.34
N ASP B 142 -27.88 1.31 13.36
CA ASP B 142 -28.32 0.94 14.71
C ASP B 142 -29.05 -0.39 14.69
N GLU B 143 -28.54 -1.33 13.91
CA GLU B 143 -29.16 -2.65 13.76
C GLU B 143 -30.58 -2.54 13.23
N GLN B 144 -30.80 -1.60 12.31
CA GLN B 144 -32.09 -1.41 11.67
C GLN B 144 -31.87 -1.23 10.19
N MET B 145 -32.48 -2.11 9.39
CA MET B 145 -32.35 -2.02 7.94
C MET B 145 -33.04 -0.77 7.41
N PHE B 146 -32.39 -0.11 6.45
CA PHE B 146 -32.96 1.08 5.82
C PHE B 146 -32.97 0.89 4.31
N PRO B 147 -34.02 1.36 3.63
CA PRO B 147 -34.10 1.17 2.17
C PRO B 147 -33.48 2.33 1.40
N CYS B 148 -33.40 2.14 0.09
CA CYS B 148 -32.88 3.16 -0.81
C CYS B 148 -33.58 3.03 -2.15
N ARG B 149 -33.63 4.14 -2.87
CA ARG B 149 -34.17 4.17 -4.24
C ARG B 149 -33.19 4.72 -5.24
N PHE B 150 -32.40 5.72 -4.87
CA PHE B 150 -31.38 6.31 -5.73
C PHE B 150 -30.01 5.94 -5.19
N ILE B 151 -29.15 5.41 -6.05
CA ILE B 151 -27.80 5.02 -5.70
C ILE B 151 -26.84 5.87 -6.52
N LYS B 152 -26.01 6.65 -5.83
CA LYS B 152 -25.05 7.53 -6.48
C LYS B 152 -23.67 6.91 -6.35
N ILE B 153 -23.08 6.55 -7.48
CA ILE B 153 -21.71 6.05 -7.54
C ILE B 153 -20.82 7.22 -7.93
N VAL B 154 -19.87 7.55 -7.06
CA VAL B 154 -18.94 8.66 -7.29
C VAL B 154 -17.53 8.10 -7.29
N PRO B 155 -16.91 7.95 -8.45
CA PRO B 155 -15.50 7.55 -8.48
C PRO B 155 -14.62 8.57 -7.78
N LEU B 156 -13.59 8.09 -7.10
CA LEU B 156 -12.64 8.94 -6.41
C LEU B 156 -11.26 8.97 -7.04
N LEU B 157 -10.80 7.85 -7.60
CA LEU B 157 -9.49 7.79 -8.23
C LEU B 157 -9.42 6.54 -9.09
N SER B 158 -9.08 6.72 -10.36
CA SER B 158 -8.86 5.58 -11.24
C SER B 158 -7.49 4.97 -10.98
N TRP B 159 -7.33 3.72 -11.40
CA TRP B 159 -6.02 3.07 -11.29
C TRP B 159 -4.97 3.84 -12.10
N GLY B 160 -5.33 4.27 -13.30
CA GLY B 160 -4.54 5.21 -14.04
C GLY B 160 -4.85 6.62 -13.57
N PRO B 161 -3.93 7.23 -12.81
CA PRO B 161 -4.27 8.51 -12.16
C PRO B 161 -4.69 9.59 -13.13
N SER B 162 -4.13 9.61 -14.34
CA SER B 162 -4.45 10.62 -15.34
C SER B 162 -5.58 10.20 -16.26
N PHE B 163 -6.18 9.04 -16.06
CA PHE B 163 -7.23 8.52 -16.93
C PHE B 163 -8.60 8.74 -16.31
N ASN B 164 -9.61 8.75 -17.18
CA ASN B 164 -10.98 8.96 -16.74
C ASN B 164 -11.52 7.72 -16.03
N PHE B 165 -12.53 7.95 -15.20
CA PHE B 165 -13.19 6.85 -14.53
C PHE B 165 -14.06 6.06 -15.52
N SER B 166 -14.18 4.76 -15.26
CA SER B 166 -14.98 3.90 -16.13
C SER B 166 -15.65 2.81 -15.31
N ILE B 167 -16.91 2.54 -15.64
CA ILE B 167 -17.68 1.46 -15.02
C ILE B 167 -18.20 0.56 -16.13
N TRP B 168 -17.98 -0.75 -15.99
CA TRP B 168 -18.34 -1.69 -17.04
C TRP B 168 -19.71 -2.31 -16.82
N TYR B 169 -20.01 -2.73 -15.60
CA TYR B 169 -21.29 -3.37 -15.31
C TYR B 169 -21.55 -3.39 -13.81
N VAL B 170 -22.70 -2.87 -13.39
CA VAL B 170 -23.08 -2.83 -11.98
C VAL B 170 -24.39 -3.59 -11.83
N GLU B 171 -24.41 -4.54 -10.90
CA GLU B 171 -25.60 -5.32 -10.58
C GLU B 171 -25.94 -5.09 -9.12
N LEU B 172 -27.18 -4.66 -8.86
CA LEU B 172 -27.64 -4.38 -7.51
C LEU B 172 -28.47 -5.54 -7.00
N SER B 173 -28.07 -6.09 -5.85
CA SER B 173 -28.79 -7.18 -5.21
C SER B 173 -29.32 -6.70 -3.86
N GLY B 174 -30.51 -7.17 -3.51
CA GLY B 174 -31.11 -6.75 -2.26
C GLY B 174 -32.49 -7.34 -2.09
N ILE B 175 -33.18 -6.85 -1.07
CA ILE B 175 -34.53 -7.30 -0.74
C ILE B 175 -35.51 -6.30 -1.34
N ASP B 176 -36.10 -6.67 -2.46
CA ASP B 176 -37.06 -5.83 -3.16
C ASP B 176 -38.51 -6.13 -2.79
N ASP B 177 -38.74 -7.11 -1.92
CA ASP B 177 -40.11 -7.48 -1.58
C ASP B 177 -40.78 -6.33 -0.82
N PRO B 178 -41.94 -5.85 -1.25
CA PRO B 178 -42.59 -4.75 -0.52
C PRO B 178 -42.91 -5.08 0.92
N ASP B 179 -43.25 -6.34 1.21
CA ASP B 179 -43.60 -6.72 2.57
C ASP B 179 -42.42 -6.56 3.53
N ILE B 180 -41.20 -6.47 3.00
CA ILE B 180 -40.03 -6.25 3.84
C ILE B 180 -39.48 -4.84 3.70
N VAL B 181 -39.84 -4.10 2.66
CA VAL B 181 -39.33 -2.74 2.48
C VAL B 181 -40.25 -1.71 3.10
N GLN B 182 -41.56 -1.87 2.94
CA GLN B 182 -42.50 -0.91 3.52
C GLN B 182 -42.39 -0.85 5.04
N PRO B 183 -42.33 -1.96 5.76
CA PRO B 183 -42.27 -1.86 7.23
C PRO B 183 -41.10 -1.05 7.75
N CYS B 184 -39.90 -1.24 7.17
CA CYS B 184 -38.74 -0.51 7.67
C CYS B 184 -38.82 0.98 7.33
N LEU B 185 -39.34 1.31 6.14
CA LEU B 185 -39.55 2.71 5.81
C LEU B 185 -40.55 3.35 6.76
N ASN B 186 -41.64 2.65 7.07
CA ASN B 186 -42.60 3.18 8.04
C ASN B 186 -41.97 3.34 9.41
N TRP B 187 -41.15 2.38 9.83
CA TRP B 187 -40.47 2.49 11.12
C TRP B 187 -39.57 3.71 11.16
N TYR B 188 -38.82 3.96 10.08
CA TYR B 188 -37.94 5.13 10.04
C TYR B 188 -38.74 6.42 10.05
N SER B 189 -39.85 6.46 9.31
CA SER B 189 -40.70 7.63 9.34
C SER B 189 -41.23 7.90 10.74
N LYS B 190 -41.67 6.84 11.43
CA LYS B 190 -42.16 7.00 12.79
C LYS B 190 -41.05 7.46 13.73
N TYR B 191 -39.83 6.94 13.54
CA TYR B 191 -38.70 7.38 14.35
C TYR B 191 -38.42 8.87 14.14
N ARG B 192 -38.45 9.31 12.88
CA ARG B 192 -38.24 10.73 12.60
C ARG B 192 -39.34 11.59 13.23
N GLU B 193 -40.59 11.11 13.15
CA GLU B 193 -41.70 11.84 13.78
C GLU B 193 -41.51 11.92 15.29
N GLN B 194 -41.06 10.82 15.91
CA GLN B 194 -40.82 10.83 17.34
C GLN B 194 -39.70 11.80 17.70
N GLU B 195 -38.64 11.84 16.89
CA GLU B 195 -37.56 12.77 17.13
C GLU B 195 -38.06 14.21 17.05
N ALA B 196 -38.87 14.51 16.03
CA ALA B 196 -39.42 15.85 15.91
C ALA B 196 -40.33 16.19 17.10
N ILE B 197 -41.11 15.21 17.56
CA ILE B 197 -41.98 15.43 18.71
C ILE B 197 -41.15 15.73 19.95
N ARG B 198 -40.07 14.98 20.16
CA ARG B 198 -39.21 15.24 21.30
C ARG B 198 -38.59 16.64 21.21
N LEU B 199 -38.13 17.02 20.02
CA LEU B 199 -37.54 18.34 19.85
C LEU B 199 -38.56 19.44 20.16
N CYS B 200 -39.79 19.28 19.66
CA CYS B 200 -40.81 20.30 19.91
C CYS B 200 -41.19 20.36 21.38
N LEU B 201 -41.26 19.20 22.04
CA LEU B 201 -41.57 19.18 23.47
C LEU B 201 -40.48 19.88 24.26
N LYS B 202 -39.21 19.62 23.92
CA LYS B 202 -38.12 20.29 24.60
C LYS B 202 -38.16 21.79 24.35
N HIS B 203 -38.50 22.21 23.13
CA HIS B 203 -38.61 23.63 22.83
C HIS B 203 -39.71 24.27 23.66
N PHE B 204 -40.85 23.60 23.77
CA PHE B 204 -41.96 24.13 24.58
C PHE B 204 -41.54 24.25 26.04
N ARG B 205 -40.85 23.23 26.56
CA ARG B 205 -40.40 23.30 27.95
C ARG B 205 -39.41 24.45 28.14
N GLN B 206 -38.50 24.65 27.17
CA GLN B 206 -37.56 25.75 27.27
C GLN B 206 -38.28 27.10 27.29
N HIS B 207 -39.27 27.27 26.42
CA HIS B 207 -40.04 28.51 26.36
C HIS B 207 -41.23 28.51 27.31
N ASN B 208 -41.70 27.34 27.72
CA ASN B 208 -42.82 27.23 28.66
C ASN B 208 -44.01 28.06 28.16
N TYR B 209 -44.30 27.95 26.87
CA TYR B 209 -45.41 28.69 26.29
C TYR B 209 -46.73 28.28 26.93
N THR B 210 -46.94 26.98 27.10
CA THR B 210 -48.15 26.47 27.73
C THR B 210 -47.93 25.02 28.12
N GLU B 211 -48.48 24.64 29.28
CA GLU B 211 -48.37 23.27 29.75
C GLU B 211 -49.29 22.32 28.98
N ALA B 212 -50.35 22.84 28.35
CA ALA B 212 -51.24 21.98 27.59
C ALA B 212 -50.52 21.20 26.51
N PHE B 213 -49.40 21.74 26.02
CA PHE B 213 -48.62 21.01 25.02
C PHE B 213 -48.25 19.63 25.52
N GLU B 214 -47.90 19.52 26.80
CA GLU B 214 -47.61 18.20 27.38
C GLU B 214 -48.78 17.25 27.17
N SER B 215 -49.99 17.72 27.48
CA SER B 215 -51.18 16.89 27.21
C SER B 215 -51.28 16.56 25.74
N LEU B 216 -50.95 17.52 24.87
CA LEU B 216 -50.92 17.24 23.44
C LEU B 216 -49.94 16.11 23.13
N GLN B 217 -48.79 16.11 23.81
CA GLN B 217 -47.83 15.03 23.67
C GLN B 217 -48.26 13.77 24.42
N LYS B 218 -49.18 13.89 25.38
CA LYS B 218 -49.66 12.74 26.13
C LYS B 218 -50.71 11.94 25.38
N LYS B 219 -51.30 12.51 24.32
CA LYS B 219 -52.28 11.76 23.53
C LYS B 219 -51.64 10.53 22.89
N THR B 220 -50.44 10.69 22.34
CA THR B 220 -49.71 9.57 21.75
C THR B 220 -48.96 8.76 22.79
N LYS B 221 -48.62 9.36 23.94
CA LYS B 221 -47.89 8.67 25.00
C LYS B 221 -46.59 8.07 24.48
N ILE B 222 -45.90 8.83 23.61
CA ILE B 222 -44.65 8.40 23.01
C ILE B 222 -43.55 9.43 23.15
N ALA B 223 -43.85 10.63 23.66
CA ALA B 223 -42.84 11.69 23.79
C ALA B 223 -42.22 11.75 25.17
N LEU B 224 -42.78 11.06 26.16
CA LEU B 224 -42.25 11.12 27.51
C LEU B 224 -40.81 10.60 27.55
N GLU B 225 -39.94 11.32 28.24
CA GLU B 225 -38.55 10.92 28.40
C GLU B 225 -38.43 9.97 29.60
N HIS B 226 -37.21 9.67 30.01
CA HIS B 226 -37.01 8.79 31.13
C HIS B 226 -37.57 9.42 32.41
N PRO B 227 -38.17 8.63 33.30
CA PRO B 227 -38.70 9.22 34.54
C PRO B 227 -37.63 9.87 35.41
N MET B 228 -36.36 9.50 35.24
CA MET B 228 -35.31 10.13 36.03
C MET B 228 -35.27 11.63 35.78
N LEU B 229 -35.34 12.04 34.52
CA LEU B 229 -35.44 13.45 34.18
C LEU B 229 -36.82 14.02 34.46
N THR B 230 -37.86 13.19 34.43
CA THR B 230 -39.20 13.66 34.77
C THR B 230 -39.26 14.12 36.21
N ASP B 231 -38.56 13.44 37.12
CA ASP B 231 -38.53 13.87 38.51
C ASP B 231 -37.90 15.26 38.64
N ILE B 232 -36.80 15.49 37.93
CA ILE B 232 -36.16 16.80 37.97
C ILE B 232 -37.09 17.86 37.39
N HIS B 233 -37.76 17.53 36.27
CA HIS B 233 -38.68 18.49 35.68
C HIS B 233 -39.81 18.84 36.65
N ASP B 234 -40.36 17.84 37.34
CA ASP B 234 -41.40 18.10 38.32
C ASP B 234 -40.86 18.96 39.46
N LYS B 235 -39.64 18.68 39.92
CA LYS B 235 -39.04 19.52 40.95
C LYS B 235 -38.90 20.96 40.48
N LEU B 236 -38.63 21.15 39.19
CA LEU B 236 -38.55 22.51 38.66
C LEU B 236 -39.89 23.23 38.81
N VAL B 237 -40.99 22.54 38.53
CA VAL B 237 -42.32 23.13 38.68
C VAL B 237 -42.63 23.37 40.15
N ASP B 241 -38.68 22.22 46.93
CA ASP B 241 -38.41 21.53 45.67
C ASP B 241 -37.06 21.97 45.09
N PHE B 242 -36.77 23.26 45.20
CA PHE B 242 -35.52 23.78 44.67
C PHE B 242 -34.32 23.15 45.38
N ASP B 243 -34.39 23.03 46.71
CA ASP B 243 -33.30 22.45 47.48
C ASP B 243 -33.42 20.94 47.63
N ALA B 244 -34.61 20.37 47.44
CA ALA B 244 -34.78 18.93 47.58
C ALA B 244 -34.17 18.16 46.41
N CYS B 245 -33.96 18.81 45.28
CA CYS B 245 -33.43 18.12 44.10
C CYS B 245 -32.10 17.44 44.40
N GLU B 246 -31.33 17.98 45.36
CA GLU B 246 -30.06 17.36 45.72
C GLU B 246 -30.26 15.88 46.04
N GLU B 247 -31.35 15.55 46.72
CA GLU B 247 -31.63 14.15 47.02
C GLU B 247 -31.60 13.30 45.76
N LEU B 248 -32.31 13.76 44.72
CA LEU B 248 -32.30 13.05 43.45
C LEU B 248 -30.88 12.92 42.92
N ILE B 249 -30.10 14.00 43.03
CA ILE B 249 -28.70 13.94 42.61
C ILE B 249 -27.97 12.85 43.37
N GLU B 250 -28.25 12.71 44.67
CA GLU B 250 -27.64 11.63 45.44
C GLU B 250 -27.92 10.28 44.78
N LYS B 251 -29.17 10.07 44.35
CA LYS B 251 -29.48 8.83 43.64
C LYS B 251 -28.63 8.68 42.40
N ALA B 252 -28.46 9.76 41.64
CA ALA B 252 -27.57 9.72 40.48
C ALA B 252 -26.16 9.31 40.90
N VAL B 253 -25.71 9.78 42.06
CA VAL B 253 -24.41 9.37 42.57
C VAL B 253 -24.43 7.90 42.94
N ASN B 254 -25.54 7.42 43.50
CA ASN B 254 -25.64 6.02 43.90
C ASN B 254 -25.53 5.10 42.69
N ASP B 255 -26.20 5.46 41.60
CA ASP B 255 -26.20 4.64 40.39
C ASP B 255 -25.04 4.97 39.46
N GLY B 256 -24.22 5.96 39.78
CA GLY B 256 -23.11 6.32 38.92
C GLY B 256 -23.53 6.75 37.54
N LEU B 257 -24.65 7.47 37.43
CA LEU B 257 -25.10 7.93 36.12
C LEU B 257 -24.12 8.91 35.51
N PHE B 258 -23.54 9.80 36.33
CA PHE B 258 -22.59 10.78 35.83
C PHE B 258 -21.26 10.18 35.43
N ASN B 259 -21.03 8.89 35.70
CA ASN B 259 -19.76 8.26 35.36
C ASN B 259 -19.39 8.52 33.91
N GLN B 260 -20.36 8.31 33.00
CA GLN B 260 -20.11 8.57 31.59
C GLN B 260 -19.61 10.00 31.38
N TYR B 261 -20.31 10.96 31.98
CA TYR B 261 -19.85 12.35 31.91
C TYR B 261 -18.45 12.48 32.50
N ILE B 262 -18.19 11.80 33.61
CA ILE B 262 -16.84 11.79 34.18
C ILE B 262 -15.86 11.23 33.17
N SER B 263 -16.27 10.19 32.44
CA SER B 263 -15.40 9.64 31.40
C SER B 263 -15.15 10.64 30.27
N GLN B 264 -16.06 11.59 30.06
CA GLN B 264 -15.88 12.61 29.03
C GLN B 264 -14.92 13.71 29.44
N GLN B 265 -14.59 13.83 30.72
CA GLN B 265 -13.69 14.88 31.18
C GLN B 265 -12.24 14.50 30.89
N PRO B 269 -3.71 14.96 34.29
CA PRO B 269 -3.37 14.15 35.46
C PRO B 269 -2.41 14.88 36.40
N ARG B 270 -2.05 14.24 37.52
CA ARG B 270 -1.14 14.82 38.49
C ARG B 270 0.02 13.85 38.72
N TRP B 271 1.24 14.30 38.43
CA TRP B 271 2.43 13.51 38.64
C TRP B 271 3.08 13.87 39.97
N SER B 272 3.55 12.85 40.69
CA SER B 272 4.19 13.08 41.98
C SER B 272 5.26 12.02 42.20
N GLN B 273 6.49 12.47 42.43
CA GLN B 273 7.60 11.56 42.73
C GLN B 273 7.70 11.44 44.25
N ILE B 274 7.22 10.31 44.78
CA ILE B 274 7.18 10.13 46.22
C ILE B 274 8.59 10.02 46.78
N ILE B 275 8.80 10.56 47.97
CA ILE B 275 10.06 10.52 48.69
C ILE B 275 9.87 9.61 49.90
N PRO B 276 10.65 8.54 50.04
CA PRO B 276 10.44 7.64 51.19
C PRO B 276 10.59 8.36 52.52
N LYS B 277 9.77 7.96 53.48
CA LYS B 277 9.86 8.49 54.82
C LYS B 277 11.15 8.01 55.49
N SER B 278 11.74 8.88 56.31
CA SER B 278 12.97 8.55 57.01
C SER B 278 12.76 7.38 57.96
N GLY B 281 23.14 5.57 56.80
CA GLY B 281 23.05 4.74 55.61
C GLY B 281 21.63 4.32 55.28
N ASP B 282 20.68 5.20 55.59
CA ASP B 282 19.27 4.93 55.35
C ASP B 282 18.78 5.49 54.01
N GLY B 283 19.68 6.06 53.20
CA GLY B 283 19.25 6.59 51.91
C GLY B 283 18.66 5.53 51.00
N GLU B 284 19.27 4.35 50.98
CA GLU B 284 18.80 3.23 50.17
C GLU B 284 18.41 2.01 50.98
N ASP B 285 18.90 1.87 52.21
CA ASP B 285 18.55 0.71 53.02
C ASP B 285 17.07 0.72 53.39
N ASN B 286 16.47 1.90 53.51
CA ASN B 286 15.06 2.01 53.89
C ASN B 286 14.11 1.80 52.74
N ARG B 287 14.61 1.69 51.51
CA ARG B 287 13.79 1.52 50.33
C ARG B 287 14.35 0.39 49.47
N PRO B 288 13.52 -0.22 48.63
CA PRO B 288 14.03 -1.26 47.73
C PRO B 288 15.09 -0.73 46.79
N GLY B 289 16.06 -1.58 46.47
CA GLY B 289 17.13 -1.20 45.57
C GLY B 289 16.67 -1.09 44.14
N MET B 290 17.51 -0.46 43.33
CA MET B 290 17.22 -0.30 41.91
C MET B 290 17.07 -1.66 41.25
N ARG B 291 16.03 -1.80 40.43
CA ARG B 291 15.72 -3.07 39.80
C ARG B 291 14.92 -2.81 38.53
N GLY B 292 14.81 -3.86 37.72
CA GLY B 292 14.03 -3.80 36.50
C GLY B 292 13.39 -5.13 36.19
N GLY B 293 12.16 -5.10 35.65
CA GLY B 293 11.46 -6.33 35.36
C GLY B 293 10.95 -7.07 36.57
N HIS B 294 10.75 -6.37 37.69
CA HIS B 294 10.25 -6.99 38.91
C HIS B 294 8.74 -7.16 38.79
N GLN B 295 8.09 -7.50 39.91
CA GLN B 295 6.64 -7.65 39.96
C GLN B 295 6.10 -6.96 41.20
N MET B 296 4.84 -6.53 41.11
CA MET B 296 4.22 -5.78 42.19
C MET B 296 2.73 -5.63 41.89
N VAL B 297 1.92 -5.71 42.95
CA VAL B 297 0.49 -5.44 42.84
C VAL B 297 0.08 -4.63 44.07
N ILE B 298 -1.01 -3.88 43.92
CA ILE B 298 -1.50 -2.98 44.96
C ILE B 298 -2.71 -3.62 45.62
N ASP B 299 -2.70 -3.64 46.96
CA ASP B 299 -3.81 -4.16 47.75
C ASP B 299 -4.77 -3.00 48.03
N VAL B 300 -5.88 -2.97 47.31
CA VAL B 300 -6.81 -1.86 47.44
C VAL B 300 -7.43 -1.84 48.83
N GLN B 301 -7.89 -3.00 49.32
CA GLN B 301 -8.52 -3.05 50.64
C GLN B 301 -7.54 -2.63 51.73
N THR B 302 -6.32 -3.14 51.68
CA THR B 302 -5.30 -2.80 52.66
C THR B 302 -4.60 -1.48 52.34
N GLU B 303 -4.81 -0.94 51.14
CA GLU B 303 -4.14 0.30 50.72
C GLU B 303 -2.62 0.16 50.85
N THR B 304 -2.11 -0.98 50.44
CA THR B 304 -0.68 -1.27 50.49
C THR B 304 -0.24 -1.89 49.18
N VAL B 305 1.07 -1.86 48.94
CA VAL B 305 1.67 -2.38 47.72
C VAL B 305 2.79 -3.34 48.10
N TYR B 306 3.06 -4.30 47.22
CA TYR B 306 4.07 -5.31 47.44
C TYR B 306 5.02 -5.34 46.25
N LEU B 307 6.29 -5.59 46.53
CA LEU B 307 7.32 -5.62 45.49
C LEU B 307 8.22 -6.82 45.73
N PHE B 308 8.31 -7.71 44.74
CA PHE B 308 9.13 -8.90 44.84
C PHE B 308 9.96 -9.08 43.58
N GLY B 309 11.13 -9.67 43.75
CA GLY B 309 11.97 -9.99 42.61
C GLY B 309 12.54 -8.75 41.94
N GLY B 310 13.00 -8.94 40.71
CA GLY B 310 13.55 -7.87 39.91
C GLY B 310 15.00 -8.13 39.54
N TRP B 311 15.46 -7.36 38.57
CA TRP B 311 16.83 -7.42 38.08
C TRP B 311 17.41 -6.01 38.09
N ASP B 312 18.60 -5.86 38.69
CA ASP B 312 19.27 -4.58 38.78
C ASP B 312 20.29 -4.37 37.66
N GLY B 313 20.33 -5.27 36.68
CA GLY B 313 21.30 -5.22 35.61
C GLY B 313 22.57 -5.99 35.89
N THR B 314 22.83 -6.34 37.15
CA THR B 314 24.00 -7.11 37.54
C THR B 314 23.65 -8.48 38.09
N GLN B 315 22.79 -8.54 39.11
CA GLN B 315 22.40 -9.79 39.73
C GLN B 315 20.90 -9.79 39.96
N ASP B 316 20.28 -10.96 39.81
CA ASP B 316 18.86 -11.10 40.08
C ASP B 316 18.58 -10.90 41.57
N LEU B 317 17.40 -10.38 41.87
CA LEU B 317 17.01 -10.05 43.23
C LEU B 317 15.87 -10.97 43.68
N ALA B 318 15.91 -11.35 44.96
CA ALA B 318 14.87 -12.16 45.57
C ALA B 318 14.20 -11.47 46.75
N ASP B 319 14.55 -10.21 47.01
CA ASP B 319 14.01 -9.52 48.17
C ASP B 319 12.53 -9.23 48.01
N PHE B 320 11.82 -9.21 49.14
CA PHE B 320 10.40 -8.92 49.20
C PHE B 320 10.19 -7.72 50.11
N TRP B 321 9.53 -6.68 49.58
CA TRP B 321 9.31 -5.43 50.30
C TRP B 321 7.83 -5.07 50.23
N ALA B 322 7.40 -4.25 51.18
CA ALA B 322 6.03 -3.75 51.23
C ALA B 322 6.06 -2.23 51.42
N TYR B 323 5.02 -1.58 50.92
CA TYR B 323 4.87 -0.13 51.01
C TYR B 323 3.44 0.20 51.41
N SER B 324 3.29 1.30 52.14
CA SER B 324 1.99 1.75 52.64
C SER B 324 1.56 2.99 51.88
N VAL B 325 0.25 3.07 51.58
CA VAL B 325 -0.28 4.27 50.93
C VAL B 325 -0.52 5.38 51.96
N LYS B 326 -0.74 5.01 53.22
CA LYS B 326 -0.98 6.00 54.26
C LYS B 326 0.26 6.80 54.61
N GLU B 327 1.43 6.39 54.14
CA GLU B 327 2.67 7.08 54.45
C GLU B 327 3.70 6.75 53.36
N ASN B 328 4.85 7.40 53.45
CA ASN B 328 5.95 7.15 52.53
C ASN B 328 6.92 6.10 53.05
N GLN B 329 6.64 5.51 54.20
CA GLN B 329 7.56 4.52 54.77
C GLN B 329 7.64 3.29 53.89
N TRP B 330 8.84 2.75 53.76
CA TRP B 330 9.10 1.50 53.03
C TRP B 330 9.62 0.47 54.02
N THR B 331 9.02 -0.72 53.99
CA THR B 331 9.41 -1.81 54.87
C THR B 331 9.81 -3.03 54.05
N CYS B 332 10.87 -3.70 54.47
CA CYS B 332 11.38 -4.88 53.80
C CYS B 332 10.87 -6.12 54.51
N ILE B 333 9.98 -6.86 53.85
CA ILE B 333 9.48 -8.11 54.44
C ILE B 333 10.63 -9.09 54.65
N SER B 334 11.51 -9.20 53.65
CA SER B 334 12.66 -10.09 53.77
C SER B 334 13.70 -9.78 52.69
N ARG B 335 14.96 -9.62 53.09
CA ARG B 335 16.00 -9.33 52.11
C ARG B 335 16.26 -10.51 51.18
N ASP B 336 15.86 -11.72 51.56
CA ASP B 336 16.04 -12.89 50.70
C ASP B 336 15.01 -13.93 51.10
N THR B 337 14.01 -14.14 50.23
CA THR B 337 12.96 -15.10 50.51
C THR B 337 13.36 -16.54 50.22
N GLU B 338 14.49 -16.75 49.54
CA GLU B 338 14.91 -18.12 49.21
C GLU B 338 15.14 -18.93 50.47
N LYS B 339 15.81 -18.35 51.46
CA LYS B 339 16.04 -19.04 52.73
C LYS B 339 14.77 -19.22 53.53
N GLU B 340 13.68 -18.52 53.18
CA GLU B 340 12.40 -18.63 53.86
C GLU B 340 11.47 -19.63 53.18
N ASN B 341 12.01 -20.60 52.46
CA ASN B 341 11.20 -21.58 51.74
C ASN B 341 10.32 -20.90 50.69
N GLY B 342 10.78 -19.78 50.15
CA GLY B 342 10.04 -19.05 49.15
C GLY B 342 10.75 -19.03 47.81
N PRO B 343 10.19 -18.29 46.85
CA PRO B 343 10.82 -18.22 45.53
C PRO B 343 12.23 -17.64 45.61
N SER B 344 13.10 -18.15 44.75
CA SER B 344 14.48 -17.68 44.68
C SER B 344 14.54 -16.45 43.79
N ALA B 345 15.75 -15.94 43.54
CA ALA B 345 15.92 -14.79 42.68
C ALA B 345 15.36 -15.09 41.28
N ARG B 346 14.57 -14.16 40.76
CA ARG B 346 13.92 -14.36 39.47
C ARG B 346 13.62 -13.00 38.85
N SER B 347 13.44 -13.00 37.54
CA SER B 347 13.15 -11.79 36.79
C SER B 347 12.16 -12.10 35.69
N CYS B 348 11.42 -11.07 35.28
CA CYS B 348 10.42 -11.19 34.22
C CYS B 348 9.35 -12.21 34.59
N HIS B 349 9.13 -12.42 35.88
CA HIS B 349 8.10 -13.32 36.37
C HIS B 349 6.77 -12.58 36.47
N LYS B 350 5.75 -13.26 37.00
CA LYS B 350 4.45 -12.64 37.21
C LYS B 350 3.90 -13.01 38.58
N MET B 351 3.07 -12.13 39.11
CA MET B 351 2.48 -12.34 40.43
C MET B 351 1.20 -11.53 40.50
N CYS B 352 0.15 -12.14 41.05
CA CYS B 352 -1.14 -11.49 41.24
C CYS B 352 -1.59 -11.71 42.67
N ILE B 353 -2.60 -10.95 43.10
CA ILE B 353 -3.11 -11.03 44.45
C ILE B 353 -4.63 -11.06 44.43
N ASP B 354 -5.20 -11.71 45.44
CA ASP B 354 -6.64 -11.72 45.67
C ASP B 354 -6.93 -10.98 46.97
N ILE B 355 -7.79 -9.95 46.86
CA ILE B 355 -8.13 -9.14 48.03
C ILE B 355 -9.00 -9.93 49.00
N GLN B 356 -10.00 -10.64 48.47
CA GLN B 356 -10.94 -11.35 49.34
C GLN B 356 -10.22 -12.39 50.19
N ARG B 357 -9.33 -13.16 49.56
CA ARG B 357 -8.51 -14.13 50.28
C ARG B 357 -7.20 -13.53 50.78
N ARG B 358 -6.87 -12.31 50.38
CA ARG B 358 -5.62 -11.67 50.77
C ARG B 358 -4.43 -12.58 50.46
N GLN B 359 -4.46 -13.16 49.26
CA GLN B 359 -3.47 -14.15 48.84
C GLN B 359 -2.58 -13.57 47.76
N ILE B 360 -1.37 -14.12 47.65
CA ILE B 360 -0.43 -13.72 46.60
C ILE B 360 0.04 -14.97 45.87
N TYR B 361 -0.23 -15.05 44.57
CA TYR B 361 0.18 -16.19 43.75
C TYR B 361 1.18 -15.72 42.72
N THR B 362 2.33 -16.39 42.66
CA THR B 362 3.41 -16.01 41.75
C THR B 362 3.85 -17.21 40.92
N LEU B 363 4.21 -16.93 39.67
CA LEU B 363 4.61 -17.96 38.72
C LEU B 363 5.51 -17.33 37.68
N GLY B 364 6.41 -18.16 37.12
CA GLY B 364 7.27 -17.73 36.05
C GLY B 364 8.67 -17.38 36.50
N ARG B 365 9.67 -17.75 35.70
CA ARG B 365 11.07 -17.43 36.00
C ARG B 365 11.84 -17.43 34.70
N TYR B 366 12.32 -16.25 34.29
CA TYR B 366 13.13 -16.14 33.09
C TYR B 366 14.54 -16.64 33.39
N LEU B 367 15.09 -17.43 32.47
CA LEU B 367 16.41 -18.02 32.66
C LEU B 367 17.24 -17.92 31.39
N ASP B 368 18.38 -18.58 31.36
CA ASP B 368 19.26 -18.60 30.20
C ASP B 368 19.69 -20.02 29.91
N SER B 369 20.14 -20.25 28.67
CA SER B 369 20.55 -21.59 28.26
C SER B 369 21.59 -22.16 29.21
N SER B 370 22.52 -21.34 29.67
CA SER B 370 23.53 -21.80 30.61
C SER B 370 22.93 -22.22 31.94
N VAL B 371 21.75 -21.70 32.29
CA VAL B 371 21.11 -22.01 33.57
C VAL B 371 20.02 -23.04 33.35
N ARG B 372 19.38 -22.99 32.18
CA ARG B 372 18.30 -23.92 31.89
C ARG B 372 18.80 -25.37 31.92
N ASN B 373 17.98 -26.25 32.46
CA ASN B 373 18.29 -27.67 32.54
C ASN B 373 17.01 -28.42 32.85
N SER B 374 17.13 -29.72 33.13
CA SER B 374 15.95 -30.55 33.36
C SER B 374 15.16 -30.05 34.57
N LYS B 375 15.84 -29.77 35.67
CA LYS B 375 15.19 -29.33 36.89
C LYS B 375 15.04 -27.81 36.97
N SER B 376 15.78 -27.07 36.15
CA SER B 376 15.66 -25.61 36.15
C SER B 376 14.51 -25.11 35.30
N LEU B 377 13.90 -25.96 34.49
CA LEU B 377 12.79 -25.57 33.62
C LEU B 377 11.43 -25.93 34.22
N LYS B 378 11.40 -26.44 35.45
CA LYS B 378 10.13 -26.81 36.07
C LYS B 378 9.29 -25.57 36.33
N SER B 379 7.99 -25.68 36.06
CA SER B 379 7.07 -24.54 36.18
C SER B 379 6.61 -24.43 37.64
N ASP B 380 7.50 -23.90 38.47
CA ASP B 380 7.20 -23.73 39.89
C ASP B 380 6.14 -22.65 40.08
N PHE B 381 5.23 -22.89 41.02
CA PHE B 381 4.13 -21.99 41.31
C PHE B 381 4.02 -21.84 42.82
N TYR B 382 4.03 -20.60 43.31
CA TYR B 382 4.08 -20.35 44.75
C TYR B 382 2.88 -19.54 45.20
N ARG B 383 2.44 -19.81 46.43
CA ARG B 383 1.35 -19.11 47.08
C ARG B 383 1.84 -18.55 48.41
N TYR B 384 1.34 -17.38 48.79
CA TYR B 384 1.83 -16.65 49.94
C TYR B 384 0.67 -15.98 50.67
N ASP B 385 0.75 -15.99 51.99
CA ASP B 385 -0.24 -15.38 52.88
C ASP B 385 0.37 -14.13 53.51
N ILE B 386 -0.34 -13.01 53.39
CA ILE B 386 0.15 -11.77 54.00
C ILE B 386 -0.17 -11.74 55.48
N ASP B 387 -1.35 -12.24 55.87
CA ASP B 387 -1.73 -12.22 57.27
C ASP B 387 -0.78 -13.06 58.11
N THR B 388 -0.41 -14.24 57.63
CA THR B 388 0.49 -15.13 58.35
C THR B 388 1.95 -14.98 57.93
N ASN B 389 2.22 -14.40 56.77
CA ASN B 389 3.58 -14.20 56.28
C ASN B 389 4.31 -15.54 56.16
N THR B 390 3.73 -16.43 55.38
CA THR B 390 4.27 -17.78 55.17
C THR B 390 4.41 -18.04 53.68
N TRP B 391 5.62 -18.44 53.27
CA TRP B 391 5.91 -18.78 51.89
C TRP B 391 6.01 -20.30 51.76
N MET B 392 5.27 -20.86 50.81
CA MET B 392 5.25 -22.29 50.60
C MET B 392 5.17 -22.59 49.10
N LEU B 393 5.67 -23.75 48.71
CA LEU B 393 5.67 -24.18 47.32
C LEU B 393 4.32 -24.79 47.00
N LEU B 394 3.45 -24.00 46.35
CA LEU B 394 2.12 -24.51 46.00
C LEU B 394 2.22 -25.68 45.03
N SER B 395 3.10 -25.59 44.04
CA SER B 395 3.28 -26.66 43.08
C SER B 395 4.72 -26.62 42.58
N GLU B 396 5.43 -27.75 42.71
CA GLU B 396 6.80 -27.82 42.22
C GLU B 396 6.85 -27.67 40.70
N ASP B 397 5.81 -28.10 40.01
CA ASP B 397 5.77 -28.01 38.56
C ASP B 397 4.32 -28.08 38.10
N THR B 398 3.82 -26.99 37.50
CA THR B 398 2.46 -27.00 37.01
C THR B 398 2.30 -27.92 35.80
N ALA B 399 3.34 -28.03 34.96
CA ALA B 399 3.26 -28.90 33.80
C ALA B 399 3.01 -30.35 34.22
N ALA B 400 3.59 -30.76 35.36
CA ALA B 400 3.33 -32.11 35.85
C ALA B 400 1.86 -32.31 36.17
N ASP B 401 1.22 -31.31 36.77
CA ASP B 401 -0.20 -31.36 37.10
C ASP B 401 -1.08 -30.96 35.92
N GLY B 402 -0.53 -30.91 34.70
CA GLY B 402 -1.28 -30.50 33.54
C GLY B 402 -1.39 -29.00 33.34
N GLY B 403 -0.76 -28.21 34.20
CA GLY B 403 -0.81 -26.77 34.07
C GLY B 403 0.19 -26.26 33.05
N PRO B 404 0.27 -24.94 32.93
CA PRO B 404 1.20 -24.34 31.97
C PRO B 404 2.64 -24.64 32.34
N LYS B 405 3.49 -24.73 31.31
CA LYS B 405 4.90 -24.95 31.51
C LYS B 405 5.57 -23.65 31.98
N LEU B 406 6.89 -23.69 32.14
CA LEU B 406 7.63 -22.51 32.56
C LEU B 406 7.63 -21.49 31.44
N VAL B 407 6.89 -20.40 31.63
CA VAL B 407 6.74 -19.35 30.63
C VAL B 407 7.15 -18.03 31.26
N PHE B 408 7.95 -17.25 30.53
CA PHE B 408 8.40 -15.95 30.98
C PHE B 408 7.71 -14.84 30.20
N ASP B 409 7.49 -13.71 30.86
CA ASP B 409 6.82 -12.57 30.25
C ASP B 409 5.37 -12.91 29.88
N HIS B 410 4.77 -13.86 30.59
CA HIS B 410 3.38 -14.22 30.38
C HIS B 410 2.49 -13.21 31.10
N GLN B 411 1.20 -13.51 31.19
CA GLN B 411 0.26 -12.67 31.93
C GLN B 411 -0.60 -13.55 32.82
N MET B 412 -0.98 -13.00 33.97
CA MET B 412 -1.78 -13.72 34.95
C MET B 412 -2.83 -12.79 35.54
N CYS B 413 -4.00 -13.35 35.83
CA CYS B 413 -5.04 -12.59 36.52
C CYS B 413 -5.90 -13.55 37.33
N MET B 414 -6.19 -13.18 38.57
CA MET B 414 -6.97 -14.00 39.49
C MET B 414 -8.36 -13.41 39.61
N ASP B 415 -9.37 -14.23 39.31
CA ASP B 415 -10.76 -13.77 39.40
C ASP B 415 -11.10 -13.40 40.83
N SER B 416 -11.77 -12.27 41.00
CA SER B 416 -12.17 -11.82 42.33
C SER B 416 -13.34 -12.64 42.88
N GLU B 417 -14.11 -13.29 42.03
CA GLU B 417 -15.29 -14.04 42.47
C GLU B 417 -14.96 -15.51 42.72
N LYS B 418 -14.50 -16.20 41.67
CA LYS B 418 -14.21 -17.63 41.77
C LYS B 418 -12.77 -17.93 42.20
N HIS B 419 -11.92 -16.92 42.31
CA HIS B 419 -10.52 -17.13 42.67
C HIS B 419 -9.83 -18.05 41.67
N MET B 420 -10.12 -17.87 40.40
CA MET B 420 -9.50 -18.64 39.33
C MET B 420 -8.33 -17.85 38.77
N ILE B 421 -7.14 -18.45 38.81
CA ILE B 421 -5.92 -17.79 38.32
C ILE B 421 -5.73 -18.21 36.86
N TYR B 422 -6.13 -17.33 35.95
CA TYR B 422 -5.96 -17.56 34.53
C TYR B 422 -4.61 -17.04 34.08
N THR B 423 -3.84 -17.90 33.43
CA THR B 423 -2.53 -17.56 32.88
C THR B 423 -2.59 -17.66 31.37
N PHE B 424 -2.09 -16.63 30.69
CA PHE B 424 -2.16 -16.55 29.24
C PHE B 424 -0.83 -16.08 28.68
N GLY B 425 -0.42 -16.68 27.56
CA GLY B 425 0.75 -16.24 26.83
C GLY B 425 2.06 -16.63 27.50
N GLY B 426 3.13 -16.06 26.95
CA GLY B 426 4.46 -16.31 27.45
C GLY B 426 5.17 -17.44 26.75
N ARG B 427 6.30 -17.14 26.10
CA ARG B 427 7.07 -18.16 25.42
C ARG B 427 7.50 -19.24 26.41
N ILE B 428 7.32 -20.49 26.01
CA ILE B 428 7.69 -21.62 26.88
C ILE B 428 9.20 -21.81 26.82
N LEU B 429 9.83 -21.84 27.98
CA LEU B 429 11.28 -21.99 28.05
C LEU B 429 11.67 -23.44 27.84
N THR B 430 12.67 -23.66 26.97
CA THR B 430 13.14 -25.00 26.69
C THR B 430 14.63 -24.94 26.40
N CYS B 431 15.29 -26.08 26.56
CA CYS B 431 16.72 -26.18 26.32
C CYS B 431 17.02 -26.31 24.82
N SER B 441 14.60 -24.20 17.67
CA SER B 441 13.37 -24.74 17.10
C SER B 441 12.31 -23.64 16.97
N GLU B 442 11.12 -24.03 16.52
CA GLU B 442 10.05 -23.07 16.36
C GLU B 442 9.61 -22.55 17.72
N PRO B 443 9.48 -21.24 17.91
CA PRO B 443 9.02 -20.74 19.21
C PRO B 443 7.64 -21.28 19.56
N GLN B 444 7.46 -21.58 20.85
CA GLN B 444 6.21 -22.11 21.36
C GLN B 444 5.66 -21.18 22.43
N PHE B 445 4.36 -20.90 22.35
CA PHE B 445 3.68 -20.00 23.27
C PHE B 445 2.57 -20.75 23.98
N SER B 446 2.55 -20.66 25.31
CA SER B 446 1.53 -21.36 26.09
C SER B 446 0.16 -20.76 25.82
N GLY B 447 -0.86 -21.62 25.86
CA GLY B 447 -2.23 -21.20 25.67
C GLY B 447 -2.85 -20.64 26.93
N LEU B 448 -4.15 -20.41 26.87
CA LEU B 448 -4.90 -19.87 28.00
C LEU B 448 -5.27 -21.02 28.93
N PHE B 449 -4.62 -21.06 30.09
CA PHE B 449 -4.88 -22.07 31.11
C PHE B 449 -5.81 -21.49 32.18
N ALA B 450 -6.08 -22.30 33.20
CA ALA B 450 -6.90 -21.86 34.32
C ALA B 450 -6.57 -22.72 35.53
N PHE B 451 -6.48 -22.09 36.69
CA PHE B 451 -6.16 -22.76 37.94
C PHE B 451 -7.31 -22.63 38.91
N ASN B 452 -7.50 -23.66 39.73
CA ASN B 452 -8.56 -23.71 40.73
C ASN B 452 -7.95 -23.51 42.11
N CYS B 453 -8.17 -22.34 42.69
CA CYS B 453 -7.70 -22.08 44.05
C CYS B 453 -8.48 -22.89 45.07
N GLN B 454 -9.78 -23.11 44.82
CA GLN B 454 -10.60 -23.87 45.74
C GLN B 454 -10.41 -25.37 45.62
N CYS B 455 -9.75 -25.84 44.56
CA CYS B 455 -9.49 -27.26 44.36
C CYS B 455 -8.04 -27.58 44.02
N GLN B 456 -7.19 -26.57 43.78
CA GLN B 456 -5.79 -26.79 43.46
C GLN B 456 -5.65 -27.71 42.24
N THR B 457 -6.37 -27.37 41.17
CA THR B 457 -6.37 -28.15 39.94
C THR B 457 -6.11 -27.24 38.75
N TRP B 458 -5.45 -27.79 37.74
CA TRP B 458 -5.11 -27.07 36.52
C TRP B 458 -5.94 -27.58 35.36
N LYS B 459 -6.23 -26.69 34.42
CA LYS B 459 -6.96 -27.04 33.22
C LYS B 459 -6.54 -26.11 32.09
N LEU B 460 -6.78 -26.56 30.85
CA LEU B 460 -6.38 -25.82 29.66
C LEU B 460 -7.64 -25.32 28.96
N LEU B 461 -7.93 -24.03 29.14
CA LEU B 461 -9.12 -23.45 28.51
C LEU B 461 -8.98 -23.41 26.99
N ARG B 462 -7.85 -22.89 26.50
CA ARG B 462 -7.63 -22.75 25.08
C ARG B 462 -6.17 -22.99 24.77
N GLU B 463 -5.89 -23.41 23.53
CA GLU B 463 -4.54 -23.66 23.07
C GLU B 463 -4.07 -22.50 22.19
N ASP B 464 -2.80 -22.57 21.78
CA ASP B 464 -2.22 -21.55 20.90
C ASP B 464 -2.60 -21.89 19.46
N SER B 465 -3.84 -21.54 19.12
CA SER B 465 -4.37 -21.80 17.78
C SER B 465 -4.32 -20.50 16.99
N CYS B 466 -3.49 -20.48 15.94
CA CYS B 466 -3.35 -19.31 15.08
C CYS B 466 -4.16 -19.42 13.80
N ASN B 467 -5.05 -20.41 13.71
CA ASN B 467 -5.89 -20.60 12.53
C ASN B 467 -7.14 -19.74 12.53
N ALA B 468 -7.36 -18.95 13.59
CA ALA B 468 -8.49 -18.03 13.67
C ALA B 468 -9.82 -18.78 13.49
N GLY B 469 -10.03 -19.75 14.37
CA GLY B 469 -11.26 -20.50 14.38
C GLY B 469 -12.40 -19.71 14.95
N PRO B 470 -13.58 -20.32 14.98
CA PRO B 470 -14.76 -19.62 15.54
C PRO B 470 -14.54 -19.16 16.97
N GLU B 471 -13.87 -19.96 17.78
CA GLU B 471 -13.49 -19.58 19.15
C GLU B 471 -12.04 -20.02 19.35
N ASP B 472 -11.11 -19.14 18.97
CA ASP B 472 -9.69 -19.42 19.06
C ASP B 472 -8.98 -18.21 19.64
N ILE B 473 -7.98 -18.48 20.48
CA ILE B 473 -7.17 -17.44 21.12
C ILE B 473 -5.72 -17.66 20.71
N GLN B 474 -5.08 -16.61 20.22
CA GLN B 474 -3.70 -16.68 19.78
C GLN B 474 -2.78 -16.31 20.94
N SER B 475 -1.94 -17.25 21.35
CA SER B 475 -0.97 -16.98 22.41
C SER B 475 0.07 -15.98 21.93
N ARG B 476 0.59 -15.19 22.86
CA ARG B 476 1.54 -14.15 22.54
C ARG B 476 2.35 -13.80 23.79
N ILE B 477 3.42 -13.04 23.59
CA ILE B 477 4.33 -12.65 24.65
C ILE B 477 4.47 -11.13 24.64
N GLY B 478 4.62 -10.55 25.83
CA GLY B 478 4.71 -9.11 25.96
C GLY B 478 3.39 -8.40 25.87
N HIS B 479 2.28 -9.12 26.04
CA HIS B 479 0.95 -8.55 25.91
C HIS B 479 0.44 -8.05 27.25
N CYS B 480 -0.68 -7.34 27.22
CA CYS B 480 -1.37 -6.87 28.41
C CYS B 480 -2.73 -7.54 28.49
N MET B 481 -2.97 -8.26 29.59
CA MET B 481 -4.21 -9.00 29.79
C MET B 481 -4.81 -8.59 31.14
N LEU B 482 -6.06 -8.16 31.12
CA LEU B 482 -6.74 -7.67 32.31
C LEU B 482 -8.12 -8.32 32.42
N PHE B 483 -8.48 -8.73 33.63
CA PHE B 483 -9.76 -9.38 33.91
C PHE B 483 -10.73 -8.32 34.43
N HIS B 484 -11.63 -7.87 33.56
CA HIS B 484 -12.69 -6.94 33.94
C HIS B 484 -13.74 -7.71 34.74
N SER B 485 -13.68 -7.60 36.06
CA SER B 485 -14.61 -8.33 36.92
C SER B 485 -16.03 -7.81 36.74
N LYS B 486 -16.19 -6.49 36.62
CA LYS B 486 -17.54 -5.93 36.46
C LYS B 486 -18.25 -6.55 35.26
N ASN B 487 -17.57 -6.58 34.11
CA ASN B 487 -18.09 -7.28 32.94
C ASN B 487 -17.73 -8.75 32.93
N ARG B 488 -16.78 -9.17 33.77
CA ARG B 488 -16.37 -10.57 33.86
C ARG B 488 -15.80 -11.08 32.54
N CYS B 489 -14.97 -10.25 31.91
CA CYS B 489 -14.36 -10.59 30.63
C CYS B 489 -12.84 -10.44 30.72
N LEU B 490 -12.12 -11.39 30.14
CA LEU B 490 -10.66 -11.38 30.17
C LEU B 490 -10.13 -10.68 28.93
N TYR B 491 -10.11 -9.35 28.99
CA TYR B 491 -9.60 -8.57 27.87
C TYR B 491 -8.10 -8.77 27.74
N VAL B 492 -7.60 -8.64 26.51
CA VAL B 492 -6.18 -8.81 26.25
C VAL B 492 -5.84 -8.14 24.93
N PHE B 493 -4.66 -7.52 24.89
CA PHE B 493 -4.20 -6.81 23.70
C PHE B 493 -2.68 -6.77 23.71
N GLY B 494 -2.11 -6.19 22.65
CA GLY B 494 -0.67 -6.08 22.56
C GLY B 494 -0.01 -7.42 22.28
N GLY B 495 1.23 -7.54 22.72
CA GLY B 495 2.01 -8.75 22.53
C GLY B 495 2.79 -8.74 21.23
N GLN B 496 3.70 -9.70 21.12
CA GLN B 496 4.57 -9.83 19.95
C GLN B 496 4.71 -11.31 19.63
N ARG B 497 3.90 -11.80 18.70
CA ARG B 497 3.99 -13.19 18.24
C ARG B 497 5.21 -13.31 17.33
N SER B 498 6.30 -13.82 17.88
CA SER B 498 7.55 -13.96 17.14
C SER B 498 8.01 -12.61 16.59
N LYS B 499 7.96 -11.58 17.44
CA LYS B 499 8.40 -10.24 17.08
C LYS B 499 7.59 -9.67 15.93
N THR B 500 6.32 -10.07 15.82
CA THR B 500 5.43 -9.52 14.80
C THR B 500 4.64 -8.31 15.28
N TYR B 501 4.74 -7.96 16.57
CA TYR B 501 4.08 -6.79 17.12
C TYR B 501 2.57 -6.85 16.87
N LEU B 502 1.94 -7.87 17.47
CA LEU B 502 0.51 -8.06 17.32
C LEU B 502 -0.24 -6.87 17.92
N ASN B 503 -1.33 -6.49 17.27
CA ASN B 503 -2.19 -5.40 17.73
C ASN B 503 -3.64 -5.84 17.92
N ASP B 504 -3.93 -7.12 17.77
CA ASP B 504 -5.29 -7.60 17.93
C ASP B 504 -5.76 -7.42 19.37
N PHE B 505 -7.04 -7.10 19.52
CA PHE B 505 -7.65 -6.91 20.83
C PHE B 505 -8.94 -7.70 20.89
N PHE B 506 -9.14 -8.46 21.97
CA PHE B 506 -10.32 -9.29 22.09
C PHE B 506 -10.61 -9.54 23.58
N SER B 507 -11.84 -9.98 23.85
CA SER B 507 -12.29 -10.28 25.20
C SER B 507 -12.82 -11.70 25.24
N TYR B 508 -12.49 -12.42 26.31
CA TYR B 508 -12.92 -13.79 26.51
C TYR B 508 -13.71 -13.89 27.80
N ASP B 509 -14.86 -14.56 27.73
CA ASP B 509 -15.70 -14.74 28.91
C ASP B 509 -15.21 -15.93 29.72
N VAL B 510 -14.96 -15.70 31.01
CA VAL B 510 -14.46 -16.78 31.87
C VAL B 510 -15.53 -17.83 32.08
N ASP B 511 -16.79 -17.43 32.24
CA ASP B 511 -17.87 -18.36 32.51
C ASP B 511 -18.50 -18.91 31.22
N SER B 512 -18.89 -18.02 30.31
CA SER B 512 -19.50 -18.47 29.06
C SER B 512 -18.53 -19.24 28.18
N ASP B 513 -17.23 -19.15 28.45
CA ASP B 513 -16.21 -19.84 27.64
C ASP B 513 -16.33 -19.46 26.18
N HIS B 514 -16.60 -18.17 25.93
CA HIS B 514 -16.73 -17.64 24.58
C HIS B 514 -15.76 -16.48 24.40
N VAL B 515 -15.12 -16.42 23.24
CA VAL B 515 -14.14 -15.40 22.91
C VAL B 515 -14.74 -14.49 21.85
N ASP B 516 -14.72 -13.18 22.11
CA ASP B 516 -15.26 -12.18 21.20
C ASP B 516 -14.13 -11.28 20.71
N ILE B 517 -13.99 -11.18 19.39
CA ILE B 517 -12.95 -10.34 18.79
C ILE B 517 -13.46 -8.91 18.72
N ILE B 518 -12.66 -7.98 19.21
CA ILE B 518 -13.04 -6.56 19.24
C ILE B 518 -12.32 -5.83 18.11
N SER B 519 -11.09 -6.26 17.80
CA SER B 519 -10.33 -5.63 16.73
C SER B 519 -9.32 -6.65 16.23
N ASP B 520 -9.51 -7.11 14.99
CA ASP B 520 -8.60 -8.08 14.39
C ASP B 520 -7.18 -7.51 14.33
N VAL B 529 -7.52 0.36 18.78
CA VAL B 529 -6.22 -0.06 19.28
C VAL B 529 -5.30 1.16 19.43
N PRO B 530 -4.54 1.24 20.53
CA PRO B 530 -3.66 2.39 20.71
C PRO B 530 -2.29 2.18 20.09
N MET B 531 -1.40 3.15 20.25
CA MET B 531 -0.05 3.01 19.73
C MET B 531 0.68 1.86 20.42
N THR B 532 1.53 1.17 19.66
CA THR B 532 2.28 0.03 20.17
C THR B 532 3.70 0.46 20.52
N GLY B 533 4.20 -0.05 21.64
CA GLY B 533 5.54 0.27 22.09
C GLY B 533 6.32 -1.00 22.40
N PHE B 534 7.61 -0.80 22.69
CA PHE B 534 8.46 -1.94 23.00
C PHE B 534 7.96 -2.69 24.24
N THR B 535 7.59 -1.96 25.28
CA THR B 535 7.04 -2.54 26.50
C THR B 535 5.84 -1.71 26.92
N GLN B 536 4.72 -2.37 27.18
CA GLN B 536 3.48 -1.70 27.57
C GLN B 536 2.90 -2.37 28.79
N ARG B 537 2.38 -1.56 29.72
CA ARG B 537 1.70 -2.03 30.91
C ARG B 537 0.26 -1.56 30.88
N ALA B 538 -0.63 -2.32 31.51
CA ALA B 538 -2.04 -2.02 31.49
C ALA B 538 -2.64 -2.19 32.87
N THR B 539 -3.70 -1.44 33.14
CA THR B 539 -4.44 -1.51 34.39
C THR B 539 -5.92 -1.37 34.11
N ILE B 540 -6.74 -1.96 34.99
CA ILE B 540 -8.18 -2.06 34.79
C ILE B 540 -8.88 -1.12 35.76
N ASP B 541 -10.03 -0.59 35.31
CA ASP B 541 -10.87 0.30 36.10
C ASP B 541 -12.30 -0.24 35.99
N PRO B 542 -12.64 -1.27 36.76
CA PRO B 542 -14.00 -1.84 36.67
C PRO B 542 -15.09 -0.83 37.00
N GLU B 543 -14.86 0.03 37.99
CA GLU B 543 -15.89 0.99 38.37
C GLU B 543 -16.19 1.95 37.23
N LEU B 544 -15.16 2.42 36.54
CA LEU B 544 -15.33 3.24 35.35
C LEU B 544 -15.32 2.42 34.06
N ASN B 545 -15.08 1.12 34.16
CA ASN B 545 -15.06 0.23 32.99
C ASN B 545 -14.11 0.76 31.93
N GLU B 546 -12.85 0.95 32.34
CA GLU B 546 -11.83 1.49 31.44
C GLU B 546 -10.55 0.69 31.59
N ILE B 547 -9.65 0.87 30.62
CA ILE B 547 -8.32 0.27 30.67
C ILE B 547 -7.30 1.37 30.38
N HIS B 548 -6.36 1.54 31.31
CA HIS B 548 -5.29 2.53 31.15
C HIS B 548 -4.01 1.81 30.75
N VAL B 549 -3.42 2.24 29.64
CA VAL B 549 -2.21 1.59 29.11
C VAL B 549 -1.10 2.63 29.03
N LEU B 550 0.06 2.28 29.57
CA LEU B 550 1.26 3.12 29.51
C LEU B 550 2.31 2.40 28.70
N SER B 551 2.82 3.07 27.67
CA SER B 551 3.81 2.48 26.78
C SER B 551 5.22 2.83 27.25
N GLY B 552 6.14 1.89 27.02
CA GLY B 552 7.53 2.06 27.41
C GLY B 552 8.36 2.70 26.32
N LEU B 553 9.67 2.61 26.50
CA LEU B 553 10.62 3.18 25.53
C LEU B 553 10.77 2.25 24.33
N ASN B 566 6.76 8.17 27.22
CA ASN B 566 5.82 7.21 27.81
C ASN B 566 4.38 7.63 27.53
N SER B 567 3.85 7.19 26.40
CA SER B 567 2.49 7.54 26.03
C SER B 567 1.49 6.86 26.96
N PHE B 568 0.39 7.56 27.24
CA PHE B 568 -0.65 7.08 28.14
C PHE B 568 -1.97 7.14 27.39
N TRP B 569 -2.68 6.01 27.31
CA TRP B 569 -3.93 5.93 26.58
C TRP B 569 -5.01 5.29 27.45
N ILE B 570 -6.25 5.68 27.18
CA ILE B 570 -7.42 5.17 27.89
C ILE B 570 -8.57 5.03 26.91
N TYR B 571 -9.49 4.12 27.24
CA TYR B 571 -10.70 3.95 26.44
C TYR B 571 -11.79 3.36 27.31
N ASP B 572 -13.04 3.50 26.85
CA ASP B 572 -14.20 3.04 27.58
C ASP B 572 -14.71 1.75 26.95
N ILE B 573 -15.05 0.77 27.81
CA ILE B 573 -15.53 -0.52 27.30
C ILE B 573 -16.81 -0.33 26.50
N VAL B 574 -17.76 0.41 27.04
CA VAL B 574 -19.05 0.57 26.38
C VAL B 574 -18.89 1.32 25.07
N ARG B 575 -18.12 2.42 25.08
CA ARG B 575 -17.96 3.20 23.87
C ARG B 575 -17.02 2.53 22.88
N ASN B 576 -15.97 1.87 23.38
CA ASN B 576 -14.99 1.20 22.52
C ASN B 576 -14.33 2.19 21.56
N SER B 577 -13.69 3.20 22.16
CA SER B 577 -13.01 4.25 21.40
C SER B 577 -11.76 4.65 22.17
N TRP B 578 -10.60 4.34 21.60
CA TRP B 578 -9.33 4.66 22.25
C TRP B 578 -9.06 6.16 22.18
N SER B 579 -8.27 6.64 23.15
CA SER B 579 -7.88 8.04 23.16
C SER B 579 -6.58 8.17 23.95
N CYS B 580 -5.87 9.25 23.68
CA CYS B 580 -4.61 9.58 24.35
C CYS B 580 -4.83 10.78 25.27
N VAL B 581 -4.42 10.64 26.52
CA VAL B 581 -4.57 11.69 27.52
C VAL B 581 -3.24 12.26 27.97
N TYR B 582 -2.12 11.73 27.49
CA TYR B 582 -0.80 12.22 27.87
C TYR B 582 0.27 11.63 26.97
N CYS B 602 9.98 11.28 32.37
CA CYS B 602 10.09 10.03 33.12
C CYS B 602 10.16 8.83 32.17
N PRO B 603 11.26 8.72 31.43
CA PRO B 603 11.43 7.58 30.51
C PRO B 603 11.84 6.33 31.25
N ARG B 604 10.95 5.34 31.26
CA ARG B 604 11.18 4.07 31.93
C ARG B 604 10.92 2.92 30.97
N PHE B 605 11.73 1.87 31.08
CA PHE B 605 11.61 0.69 30.25
C PHE B 605 11.58 -0.55 31.15
N ALA B 606 10.70 -1.49 30.81
CA ALA B 606 10.54 -2.71 31.60
C ALA B 606 10.22 -2.37 33.06
N HIS B 607 9.38 -1.36 33.26
CA HIS B 607 9.01 -0.89 34.58
C HIS B 607 7.83 -1.71 35.09
N GLN B 608 7.29 -1.31 36.25
CA GLN B 608 6.11 -1.95 36.82
C GLN B 608 5.08 -0.88 37.15
N LEU B 609 3.82 -1.18 36.85
CA LEU B 609 2.70 -0.26 37.10
C LEU B 609 1.57 -1.01 37.78
N VAL B 610 0.98 -0.37 38.79
CA VAL B 610 -0.19 -0.90 39.47
C VAL B 610 -1.20 0.24 39.59
N TYR B 611 -2.45 -0.12 39.85
CA TYR B 611 -3.53 0.87 39.88
C TYR B 611 -4.52 0.55 40.99
N ASP B 612 -5.01 1.60 41.64
CA ASP B 612 -6.09 1.51 42.62
C ASP B 612 -7.26 2.35 42.10
N GLU B 613 -8.39 1.69 41.87
CA GLU B 613 -9.57 2.37 41.34
C GLU B 613 -10.27 3.21 42.40
N LEU B 614 -10.37 2.70 43.62
CA LEU B 614 -11.03 3.47 44.68
C LEU B 614 -10.29 4.78 44.94
N HIS B 615 -8.97 4.73 44.99
CA HIS B 615 -8.16 5.93 45.13
C HIS B 615 -7.82 6.57 43.78
N LYS B 616 -8.09 5.88 42.67
CA LYS B 616 -7.83 6.43 41.34
C LYS B 616 -6.37 6.84 41.17
N VAL B 617 -5.45 5.99 41.64
CA VAL B 617 -4.03 6.31 41.65
C VAL B 617 -3.25 5.18 40.97
N HIS B 618 -2.36 5.55 40.06
CA HIS B 618 -1.44 4.61 39.45
C HIS B 618 -0.06 4.80 40.07
N TYR B 619 0.58 3.69 40.44
CA TYR B 619 1.94 3.71 40.97
C TYR B 619 2.87 3.07 39.94
N LEU B 620 3.87 3.83 39.50
CA LEU B 620 4.89 3.36 38.57
C LEU B 620 6.21 3.29 39.31
N PHE B 621 6.76 2.07 39.42
CA PHE B 621 8.01 1.84 40.12
C PHE B 621 8.96 1.03 39.24
N GLY B 622 10.25 1.20 39.50
CA GLY B 622 11.28 0.44 38.81
C GLY B 622 11.28 0.65 37.31
N GLY B 623 12.17 -0.03 36.62
CA GLY B 623 12.27 0.04 35.18
C GLY B 623 13.72 0.09 34.75
N ASN B 624 13.91 0.36 33.46
CA ASN B 624 15.23 0.47 32.87
C ASN B 624 15.31 1.81 32.14
N PRO B 625 16.26 2.68 32.48
CA PRO B 625 16.32 3.99 31.81
C PRO B 625 16.49 3.88 30.31
N GLY B 626 17.20 2.86 29.82
CA GLY B 626 17.39 2.68 28.40
C GLY B 626 18.72 3.22 27.92
N CYS B 629 24.57 5.83 29.46
CA CYS B 629 25.43 5.77 28.28
C CYS B 629 25.83 4.33 27.99
N SER B 630 26.14 3.58 29.04
CA SER B 630 26.53 2.19 28.87
C SER B 630 25.33 1.33 28.51
N PRO B 631 25.56 0.11 28.01
CA PRO B 631 24.43 -0.78 27.74
C PRO B 631 23.60 -1.10 28.98
N LYS B 632 24.22 -1.14 30.16
CA LYS B 632 23.57 -1.59 31.38
C LYS B 632 23.36 -0.41 32.32
N MET B 633 22.11 -0.20 32.74
CA MET B 633 21.76 0.76 33.77
C MET B 633 20.66 0.18 34.64
N ARG B 634 20.31 0.91 35.69
CA ARG B 634 19.19 0.57 36.55
C ARG B 634 18.63 1.84 37.15
N LEU B 635 17.35 1.81 37.52
CA LEU B 635 16.70 2.96 38.12
C LEU B 635 15.73 2.49 39.19
N ASP B 636 15.43 3.39 40.12
CA ASP B 636 14.45 3.16 41.20
C ASP B 636 13.55 4.38 41.24
N ASP B 637 12.49 4.36 40.43
CA ASP B 637 11.55 5.47 40.35
C ASP B 637 10.37 5.22 41.28
N PHE B 638 9.84 6.29 41.83
CA PHE B 638 8.75 6.23 42.81
C PHE B 638 7.55 7.05 42.35
N TRP B 639 7.19 6.94 41.07
CA TRP B 639 6.25 7.89 40.50
C TRP B 639 4.80 7.47 40.78
N SER B 640 3.93 8.46 40.90
CA SER B 640 2.50 8.24 41.10
C SER B 640 1.73 9.21 40.22
N LEU B 641 0.68 8.70 39.58
CA LEU B 641 -0.16 9.47 38.68
C LEU B 641 -1.59 9.46 39.20
N LYS B 642 -2.18 10.64 39.32
CA LYS B 642 -3.57 10.78 39.74
C LYS B 642 -4.42 11.22 38.57
N LEU B 643 -5.58 10.57 38.42
CA LEU B 643 -6.46 10.82 37.29
C LEU B 643 -6.97 12.26 37.30
N CYS B 644 -7.16 12.80 36.09
CA CYS B 644 -7.64 14.18 35.93
C CYS B 644 -9.15 14.27 35.96
N ARG B 645 -9.86 13.16 36.02
CA ARG B 645 -11.31 13.20 35.99
C ARG B 645 -11.87 13.67 37.32
N PRO B 646 -13.03 14.33 37.32
CA PRO B 646 -13.64 14.75 38.59
C PRO B 646 -14.41 13.60 39.23
N SER B 647 -14.28 13.50 40.55
CA SER B 647 -14.97 12.45 41.28
C SER B 647 -16.46 12.76 41.37
N LYS B 648 -17.24 11.72 41.68
CA LYS B 648 -18.68 11.90 41.84
C LYS B 648 -19.00 12.87 42.97
N ASP B 649 -18.24 12.78 44.07
CA ASP B 649 -18.45 13.70 45.18
C ASP B 649 -18.16 15.14 44.75
N TYR B 650 -17.13 15.34 43.93
CA TYR B 650 -16.84 16.69 43.45
C TYR B 650 -17.98 17.23 42.59
N LEU B 651 -18.54 16.39 41.72
CA LEU B 651 -19.67 16.81 40.90
C LEU B 651 -20.88 17.15 41.78
N LEU B 652 -21.14 16.33 42.80
CA LEU B 652 -22.26 16.61 43.69
C LEU B 652 -22.04 17.93 44.42
N ARG B 653 -20.82 18.19 44.88
CA ARG B 653 -20.53 19.44 45.56
C ARG B 653 -20.71 20.63 44.62
N HIS B 654 -20.27 20.48 43.36
CA HIS B 654 -20.45 21.56 42.39
C HIS B 654 -21.93 21.82 42.15
N CYS B 655 -22.73 20.76 42.01
CA CYS B 655 -24.16 20.94 41.83
C CYS B 655 -24.80 21.62 43.03
N LYS B 656 -24.39 21.22 44.24
CA LYS B 656 -24.93 21.84 45.45
C LYS B 656 -24.57 23.32 45.50
N TYR B 657 -23.33 23.65 45.15
CA TYR B 657 -22.92 25.06 45.14
C TYR B 657 -23.71 25.85 44.10
N LEU B 658 -23.93 25.26 42.93
CA LEU B 658 -24.73 25.94 41.91
C LEU B 658 -26.15 26.18 42.40
N ILE B 659 -26.75 25.19 43.05
CA ILE B 659 -28.10 25.34 43.57
C ILE B 659 -28.14 26.43 44.64
N ARG B 660 -27.15 26.43 45.55
CA ARG B 660 -27.11 27.44 46.60
C ARG B 660 -26.91 28.84 46.03
N LYS B 661 -26.20 28.94 44.89
CA LYS B 661 -26.01 30.26 44.28
C LYS B 661 -27.35 30.90 43.94
N HIS B 662 -28.27 30.12 43.37
CA HIS B 662 -29.60 30.64 43.07
C HIS B 662 -30.46 30.74 44.31
N ARG B 663 -30.29 29.82 45.27
CA ARG B 663 -31.08 29.86 46.49
C ARG B 663 -30.82 31.14 47.27
N PHE B 664 -29.56 31.58 47.33
CA PHE B 664 -29.23 32.80 48.06
C PHE B 664 -29.97 34.00 47.46
N GLU B 665 -30.03 34.08 46.14
CA GLU B 665 -30.76 35.18 45.50
C GLU B 665 -32.24 35.14 45.87
N GLU B 666 -32.82 33.95 45.91
CA GLU B 666 -34.23 33.80 46.27
C GLU B 666 -34.46 34.24 47.71
N HIS B 722 -41.04 35.09 34.46
CA HIS B 722 -39.66 35.24 34.02
C HIS B 722 -38.72 34.58 35.02
N THR B 723 -39.09 34.59 36.30
CA THR B 723 -38.26 33.98 37.32
C THR B 723 -38.11 32.48 37.09
N TYR B 724 -39.19 31.82 36.72
CA TYR B 724 -39.13 30.38 36.45
C TYR B 724 -38.19 30.08 35.29
N ALA B 725 -38.26 30.89 34.22
CA ALA B 725 -37.37 30.68 33.09
C ALA B 725 -35.91 30.80 33.49
N GLN B 726 -35.58 31.83 34.29
CA GLN B 726 -34.21 31.99 34.75
C GLN B 726 -33.78 30.82 35.63
N ARG B 727 -34.67 30.37 36.52
CA ARG B 727 -34.33 29.25 37.39
C ARG B 727 -34.11 27.98 36.59
N THR B 728 -34.83 27.82 35.48
CA THR B 728 -34.69 26.62 34.67
C THR B 728 -33.29 26.48 34.07
N GLN B 729 -32.51 27.56 34.05
CA GLN B 729 -31.16 27.47 33.51
C GLN B 729 -30.29 26.53 34.34
N LEU B 730 -30.41 26.60 35.67
CA LEU B 730 -29.65 25.70 36.53
C LEU B 730 -30.03 24.25 36.30
N PHE B 731 -31.34 23.99 36.17
CA PHE B 731 -31.79 22.63 35.91
C PHE B 731 -31.28 22.13 34.56
N ASP B 732 -31.30 22.99 33.54
CA ASP B 732 -30.79 22.59 32.24
C ASP B 732 -29.30 22.28 32.30
N THR B 733 -28.54 23.11 33.01
CA THR B 733 -27.11 22.85 33.16
C THR B 733 -26.86 21.54 33.90
N LEU B 734 -27.63 21.28 34.96
CA LEU B 734 -27.46 20.04 35.71
C LEU B 734 -27.79 18.83 34.85
N VAL B 735 -28.82 18.93 34.02
CA VAL B 735 -29.23 17.79 33.19
C VAL B 735 -28.11 17.37 32.26
N ASN B 736 -27.22 18.31 31.89
CA ASN B 736 -26.13 17.95 31.00
C ASN B 736 -25.22 16.90 31.62
N PHE B 737 -25.14 16.85 32.95
CA PHE B 737 -24.28 15.87 33.61
C PHE B 737 -24.76 14.45 33.36
N PHE B 738 -26.07 14.25 33.21
CA PHE B 738 -26.60 12.92 33.01
C PHE B 738 -26.20 12.38 31.64
N PRO B 739 -26.20 11.06 31.46
CA PRO B 739 -25.80 10.50 30.17
C PRO B 739 -26.76 10.92 29.06
N ASP B 740 -26.21 11.04 27.86
CA ASP B 740 -27.01 11.48 26.72
C ASP B 740 -28.11 10.48 26.37
N SER B 741 -27.97 9.22 26.78
CA SER B 741 -28.97 8.21 26.43
C SER B 741 -30.33 8.58 27.00
N MET B 742 -30.38 9.03 28.26
CA MET B 742 -31.64 9.40 28.89
C MET B 742 -31.92 10.89 28.83
N THR B 743 -30.92 11.71 28.50
CA THR B 743 -31.12 13.15 28.46
C THR B 743 -31.99 13.54 27.26
N PRO B 744 -32.65 14.69 27.33
CA PRO B 744 -33.45 15.15 26.20
C PRO B 744 -32.58 15.55 25.02
N PRO B 745 -33.17 15.94 23.90
CA PRO B 745 -32.36 16.35 22.75
C PRO B 745 -31.45 17.51 23.08
N LYS B 746 -30.26 17.50 22.48
CA LYS B 746 -29.26 18.53 22.71
C LYS B 746 -29.37 19.70 21.74
N GLY B 747 -30.37 19.69 20.86
CA GLY B 747 -30.54 20.75 19.88
C GLY B 747 -31.76 21.59 20.18
N ASN B 748 -31.75 22.83 19.70
CA ASN B 748 -32.84 23.77 19.89
C ASN B 748 -33.46 24.11 18.54
N LEU B 749 -34.79 24.30 18.53
CA LEU B 749 -35.48 24.64 17.29
C LEU B 749 -34.96 25.94 16.72
N VAL B 750 -34.69 26.93 17.58
CA VAL B 750 -34.18 28.21 17.11
C VAL B 750 -32.83 28.01 16.40
N ASP B 751 -31.95 27.19 16.98
CA ASP B 751 -30.69 26.91 16.33
C ASP B 751 -30.89 26.20 15.00
N LEU B 752 -31.81 25.23 14.97
CA LEU B 752 -32.09 24.52 13.74
C LEU B 752 -32.64 25.46 12.67
N ILE B 753 -33.54 26.35 13.05
CA ILE B 753 -34.14 27.29 12.11
C ILE B 753 -33.12 28.36 11.74
#